data_1YGR
#
_entry.id   1YGR
#
_cell.length_a   86.010
_cell.length_b   59.700
_cell.length_c   160.530
_cell.angle_alpha   90.00
_cell.angle_beta   99.53
_cell.angle_gamma   90.00
#
_symmetry.space_group_name_H-M   'P 1 21 1'
#
loop_
_entity.id
_entity.type
_entity.pdbx_description
1 polymer 'CD45 Protein Tyrosine Phosphatase'
2 polymer 'T-cell Receptor CD3 zeta ITAM-1'
#
loop_
_entity_poly.entity_id
_entity_poly.type
_entity_poly.pdbx_seq_one_letter_code
_entity_poly.pdbx_strand_id
1 'polypeptide(L)'
;EKQL(MSE)NVEPIHADILLETYKRKIADEGRPFLAEFQSIPRVFSKFPIKEARKPFNQNKNRYVDILPYDYNRVELSEI
NGDAGSNYINASYIDGFKEPRKYIAAQGPRDETVDDFWR(MSE)IWEQKATVIV(MSE)VTRCEEGNRNKCAEYWPS
(MSE)EEGTRAFGDVVVKINQHKRCPDYIIQKLNIVNKKEKATGREVTHIQFTSWPDHGVPEDPHLLLKLRRRVNAFSNF
FSGPIVVHSSAGVGRTGTYIGIDA(MSE)LEGLEAENKVDVYGYVVKLRRQRCL(MSE)VQVEAQYILIHQALVEYNQFG
ETEVNLSELHPYLHN(MSE)KKRDPPSEPSPLEAEFQRLPSYRSWRTQHIGNQEENKSKNRNSNVIPYDYNRVPLKHELE
MSKESEHDSDESSDDDSDSEEPSKYINASFI(MSE)SYWKPEV(MSE)IAAQGPLKETIGDFWQ(MSE)IFQRKVKVIV
(MSE)LTELKHGDQEICAQYWGEGKQTYGDIEVDLKDTDKSSTYTLRVFELRHSKRKDSRTVYQYQYTNWSVEQLPAEPK
ELIS(MSE)IQVVKQKLPQKNSSEGNKHHKSTPLLIHCRDGSQQTGIFCALLNLLESAETEEVVDIFQVVKALRKARLG
(MSE)VSTFEQYQFLYDVIASTYPAQN
;
A,B
2 'polypeptide(L)' REE(PTR)DV C,D
#
# COMPACT_ATOMS: atom_id res chain seq x y z
N GLU A 1 24.19 -11.30 -70.73
CA GLU A 1 24.13 -10.91 -69.29
C GLU A 1 24.99 -11.83 -68.39
N LYS A 2 24.43 -12.25 -67.25
CA LYS A 2 25.18 -13.08 -66.32
C LYS A 2 24.39 -14.29 -65.77
N GLN A 3 25.01 -15.01 -64.85
CA GLN A 3 24.35 -16.13 -64.22
C GLN A 3 23.77 -15.59 -62.90
N LEU A 4 22.46 -15.41 -62.92
CA LEU A 4 21.69 -14.94 -61.78
C LEU A 4 21.23 -16.25 -61.13
N ASN A 6 17.44 -18.76 -60.02
CA ASN A 6 16.07 -19.06 -60.33
C ASN A 6 15.44 -19.30 -58.97
N VAL A 7 14.70 -18.31 -58.49
CA VAL A 7 14.03 -18.41 -57.21
C VAL A 7 12.61 -18.87 -57.50
N GLU A 8 12.03 -19.58 -56.55
CA GLU A 8 10.68 -20.08 -56.70
C GLU A 8 9.64 -19.05 -56.23
N PRO A 9 8.82 -18.53 -57.16
CA PRO A 9 7.81 -17.54 -56.78
C PRO A 9 7.07 -18.05 -55.53
N ILE A 10 7.07 -17.26 -54.46
CA ILE A 10 6.42 -17.70 -53.23
C ILE A 10 4.90 -17.64 -53.28
N HIS A 11 4.28 -18.76 -52.89
CA HIS A 11 2.83 -18.86 -52.82
C HIS A 11 2.39 -18.19 -51.52
N ALA A 12 1.18 -17.64 -51.52
CA ALA A 12 0.64 -16.94 -50.34
C ALA A 12 1.01 -17.57 -49.00
N ASP A 13 0.37 -18.67 -48.69
CA ASP A 13 0.59 -19.39 -47.46
C ASP A 13 2.04 -19.43 -47.01
N ILE A 14 2.80 -20.38 -47.56
CA ILE A 14 4.20 -20.55 -47.18
C ILE A 14 5.06 -19.28 -47.10
N LEU A 15 4.51 -18.14 -47.51
CA LEU A 15 5.23 -16.86 -47.47
C LEU A 15 5.78 -16.60 -46.06
N LEU A 16 4.88 -16.62 -45.09
CA LEU A 16 5.24 -16.38 -43.73
C LEU A 16 6.45 -17.25 -43.35
N GLU A 17 6.38 -18.54 -43.69
CA GLU A 17 7.44 -19.47 -43.36
C GLU A 17 8.66 -19.36 -44.23
N THR A 18 8.46 -19.29 -45.54
CA THR A 18 9.59 -19.14 -46.47
C THR A 18 10.44 -18.02 -45.88
N TYR A 19 9.77 -16.91 -45.58
CA TYR A 19 10.42 -15.75 -45.00
C TYR A 19 11.28 -16.16 -43.83
N LYS A 20 10.69 -16.98 -42.94
CA LYS A 20 11.38 -17.44 -41.75
C LYS A 20 12.73 -18.13 -42.04
N ARG A 21 12.71 -19.11 -42.95
CA ARG A 21 13.96 -19.79 -43.26
C ARG A 21 14.88 -18.87 -44.03
N LYS A 22 14.33 -18.13 -44.99
CA LYS A 22 15.12 -17.19 -45.77
C LYS A 22 15.94 -16.23 -44.88
N ILE A 23 15.44 -16.00 -43.65
CA ILE A 23 16.12 -15.10 -42.71
C ILE A 23 16.94 -15.75 -41.59
N ALA A 24 16.91 -17.08 -41.48
CA ALA A 24 17.70 -17.76 -40.44
C ALA A 24 19.19 -17.40 -40.66
N ASP A 25 19.96 -17.30 -39.56
CA ASP A 25 21.41 -16.93 -39.57
C ASP A 25 21.69 -15.60 -40.31
N GLU A 26 20.94 -14.56 -39.94
CA GLU A 26 21.02 -13.23 -40.56
C GLU A 26 20.80 -13.40 -42.08
N GLY A 27 19.67 -14.02 -42.40
CA GLY A 27 19.23 -14.26 -43.78
C GLY A 27 20.17 -14.37 -44.96
N ARG A 28 21.14 -15.30 -44.91
CA ARG A 28 22.07 -15.49 -46.02
C ARG A 28 21.34 -15.91 -47.31
N PRO A 29 20.20 -16.64 -47.19
CA PRO A 29 19.40 -17.10 -48.34
C PRO A 29 18.86 -15.87 -49.06
N PHE A 30 18.81 -14.77 -48.32
CA PHE A 30 18.35 -13.50 -48.83
C PHE A 30 19.56 -12.75 -49.38
N LEU A 31 20.62 -12.68 -48.57
CA LEU A 31 21.83 -11.97 -48.98
C LEU A 31 22.31 -12.52 -50.32
N ALA A 32 21.88 -13.74 -50.63
CA ALA A 32 22.24 -14.42 -51.88
C ALA A 32 21.36 -13.94 -53.03
N GLU A 33 20.05 -14.02 -52.81
CA GLU A 33 19.05 -13.59 -53.77
C GLU A 33 19.38 -12.15 -54.24
N PHE A 34 19.65 -11.25 -53.29
CA PHE A 34 19.98 -9.85 -53.58
C PHE A 34 21.42 -9.65 -54.08
N GLN A 35 22.31 -10.57 -53.74
CA GLN A 35 23.69 -10.45 -54.17
C GLN A 35 23.88 -10.71 -55.65
N SER A 36 23.07 -11.63 -56.18
CA SER A 36 23.16 -12.03 -57.57
C SER A 36 22.53 -11.07 -58.58
N ILE A 37 21.69 -10.15 -58.13
CA ILE A 37 21.06 -9.21 -59.06
C ILE A 37 22.07 -8.11 -59.35
N PRO A 38 22.56 -8.01 -60.60
CA PRO A 38 23.55 -7.02 -61.01
C PRO A 38 23.24 -5.56 -60.76
N ARG A 39 24.30 -4.82 -60.43
CA ARG A 39 24.22 -3.38 -60.19
C ARG A 39 23.49 -2.78 -61.40
N VAL A 40 24.20 -2.68 -62.53
CA VAL A 40 23.67 -2.12 -63.78
C VAL A 40 23.50 -3.28 -64.74
N PHE A 41 23.18 -2.97 -66.00
CA PHE A 41 23.06 -3.98 -67.05
C PHE A 41 23.90 -3.58 -68.26
N SER A 42 25.02 -4.26 -68.38
CA SER A 42 26.01 -4.06 -69.43
C SER A 42 25.49 -3.56 -70.78
N LYS A 43 24.64 -4.34 -71.42
CA LYS A 43 24.11 -4.01 -72.74
C LYS A 43 23.42 -2.67 -72.90
N PHE A 44 22.28 -2.50 -72.24
CA PHE A 44 21.51 -1.27 -72.33
C PHE A 44 22.36 0.00 -72.33
N PRO A 45 22.58 0.56 -73.52
CA PRO A 45 23.36 1.77 -73.77
C PRO A 45 22.95 2.97 -72.94
N ILE A 46 23.95 3.65 -72.40
CA ILE A 46 23.78 4.83 -71.57
C ILE A 46 24.62 5.95 -72.17
N LYS A 47 24.27 6.38 -73.37
CA LYS A 47 25.04 7.41 -74.05
C LYS A 47 24.61 8.88 -73.87
N GLU A 48 23.34 9.12 -73.56
CA GLU A 48 22.84 10.49 -73.42
C GLU A 48 23.04 11.11 -72.05
N ALA A 49 23.17 10.29 -71.02
CA ALA A 49 23.38 10.84 -69.70
C ALA A 49 24.80 11.36 -69.63
N ARG A 50 25.74 10.58 -70.14
CA ARG A 50 27.16 10.91 -70.13
C ARG A 50 27.59 12.13 -70.94
N LYS A 51 26.78 12.56 -71.91
CA LYS A 51 27.16 13.70 -72.72
C LYS A 51 27.58 14.90 -71.86
N PRO A 52 28.48 15.75 -72.38
CA PRO A 52 29.02 16.94 -71.75
C PRO A 52 28.01 18.02 -71.39
N PHE A 53 27.10 18.33 -72.29
CA PHE A 53 26.13 19.36 -71.98
C PHE A 53 25.07 18.85 -70.99
N ASN A 54 25.31 17.67 -70.42
CA ASN A 54 24.39 17.09 -69.46
C ASN A 54 25.05 16.59 -68.19
N GLN A 55 26.34 16.82 -68.05
CA GLN A 55 27.06 16.38 -66.86
C GLN A 55 26.47 17.00 -65.60
N ASN A 56 26.34 18.32 -65.59
CA ASN A 56 25.82 19.01 -64.42
C ASN A 56 24.38 18.65 -64.09
N LYS A 57 23.67 17.98 -65.01
CA LYS A 57 22.27 17.64 -64.78
C LYS A 57 22.02 16.40 -63.94
N ASN A 58 23.08 15.72 -63.50
CA ASN A 58 22.96 14.52 -62.69
C ASN A 58 23.37 14.77 -61.26
N ARG A 59 22.79 14.04 -60.33
CA ARG A 59 23.12 14.23 -58.92
C ARG A 59 24.28 13.35 -58.49
N TYR A 60 24.42 12.20 -59.13
CA TYR A 60 25.50 11.28 -58.82
C TYR A 60 25.92 10.67 -60.14
N VAL A 61 27.21 10.71 -60.42
CA VAL A 61 27.74 10.15 -61.65
C VAL A 61 27.64 8.63 -61.60
N ASP A 62 27.25 8.14 -60.42
CA ASP A 62 27.08 6.71 -60.17
C ASP A 62 25.75 6.20 -60.76
N ILE A 63 24.71 7.05 -60.70
CA ILE A 63 23.37 6.72 -61.18
C ILE A 63 22.94 7.44 -62.46
N LEU A 64 23.00 6.76 -63.61
CA LEU A 64 22.60 7.37 -64.88
C LEU A 64 21.59 6.48 -65.59
N PRO A 65 20.55 7.07 -66.18
CA PRO A 65 19.49 6.33 -66.88
C PRO A 65 19.83 5.63 -68.21
N TYR A 66 19.27 4.44 -68.38
CA TYR A 66 19.45 3.68 -69.61
C TYR A 66 18.85 4.56 -70.73
N ASP A 67 19.34 4.40 -71.95
CA ASP A 67 18.83 5.22 -73.05
C ASP A 67 17.46 4.90 -73.64
N TYR A 68 17.02 3.65 -73.55
CA TYR A 68 15.75 3.30 -74.14
C TYR A 68 14.51 3.70 -73.38
N ASN A 69 14.62 3.88 -72.06
CA ASN A 69 13.44 4.26 -71.28
C ASN A 69 13.52 5.61 -70.60
N ARG A 70 14.61 6.32 -70.86
CA ARG A 70 14.84 7.66 -70.32
C ARG A 70 13.65 8.56 -70.58
N VAL A 71 13.27 9.34 -69.59
CA VAL A 71 12.15 10.25 -69.76
C VAL A 71 12.67 11.40 -70.60
N GLU A 72 11.92 11.81 -71.63
CA GLU A 72 12.36 12.92 -72.49
C GLU A 72 11.56 14.20 -72.35
N LEU A 73 12.26 15.33 -72.47
CA LEU A 73 11.63 16.62 -72.37
C LEU A 73 11.52 17.25 -73.75
N SER A 74 10.44 17.99 -73.94
CA SER A 74 10.19 18.64 -75.21
C SER A 74 11.46 19.39 -75.65
N GLU A 75 12.18 18.83 -76.60
CA GLU A 75 13.42 19.44 -77.11
C GLU A 75 13.29 20.92 -77.40
N ILE A 76 13.87 21.75 -76.55
CA ILE A 76 13.86 23.18 -76.74
C ILE A 76 14.81 23.43 -77.90
N ASN A 77 14.31 24.11 -78.94
CA ASN A 77 15.15 24.37 -80.10
C ASN A 77 16.37 25.25 -79.76
N GLY A 78 17.47 25.01 -80.48
CA GLY A 78 18.68 25.76 -80.24
C GLY A 78 19.46 25.11 -79.10
N ASP A 79 19.04 25.39 -77.86
CA ASP A 79 19.67 24.84 -76.66
C ASP A 79 19.83 23.32 -76.78
N ALA A 80 21.03 22.89 -77.17
CA ALA A 80 21.32 21.48 -77.35
C ALA A 80 21.34 20.74 -76.03
N GLY A 81 20.75 19.55 -76.01
CA GLY A 81 20.71 18.74 -74.79
C GLY A 81 19.59 19.09 -73.83
N SER A 82 18.53 19.71 -74.37
CA SER A 82 17.39 20.11 -73.57
C SER A 82 16.30 19.05 -73.49
N ASN A 83 16.60 17.86 -74.01
CA ASN A 83 15.65 16.77 -74.02
C ASN A 83 15.96 15.81 -72.87
N TYR A 84 17.12 16.02 -72.25
CA TYR A 84 17.58 15.18 -71.14
C TYR A 84 17.33 15.67 -69.72
N ILE A 85 16.94 14.71 -68.90
CA ILE A 85 16.64 14.90 -67.49
C ILE A 85 16.87 13.53 -66.88
N ASN A 86 17.30 13.49 -65.62
CA ASN A 86 17.55 12.22 -64.98
C ASN A 86 16.29 11.61 -64.39
N ALA A 87 15.65 10.73 -65.16
CA ALA A 87 14.43 10.05 -64.75
C ALA A 87 14.35 8.77 -65.58
N SER A 88 13.36 7.91 -65.33
CA SER A 88 13.24 6.67 -66.08
C SER A 88 11.86 6.04 -65.94
N TYR A 89 11.33 5.51 -67.04
CA TYR A 89 10.03 4.86 -66.99
C TYR A 89 10.18 3.50 -66.34
N ILE A 90 9.24 3.16 -65.46
CA ILE A 90 9.28 1.87 -64.75
C ILE A 90 7.94 1.16 -64.90
N ASP A 91 7.97 -0.15 -65.11
CA ASP A 91 6.74 -0.93 -65.30
C ASP A 91 6.21 -1.58 -64.02
N GLY A 92 4.89 -1.56 -63.86
CA GLY A 92 4.28 -2.18 -62.70
C GLY A 92 4.08 -3.67 -62.93
N PHE A 93 3.09 -4.23 -62.27
CA PHE A 93 2.76 -5.65 -62.39
C PHE A 93 2.04 -5.88 -63.71
N LYS A 94 1.75 -4.78 -64.39
CA LYS A 94 1.07 -4.82 -65.68
C LYS A 94 1.25 -3.47 -66.35
N GLU A 95 0.44 -2.49 -65.99
CA GLU A 95 0.55 -1.16 -66.58
C GLU A 95 1.96 -0.81 -67.00
N PRO A 96 2.22 -0.82 -68.31
CA PRO A 96 3.57 -0.46 -68.75
C PRO A 96 3.75 1.03 -68.52
N ARG A 97 4.91 1.44 -68.03
CA ARG A 97 5.17 2.84 -67.75
C ARG A 97 4.25 3.41 -66.71
N LYS A 98 4.05 2.67 -65.62
CA LYS A 98 3.19 3.11 -64.55
C LYS A 98 3.85 4.19 -63.73
N TYR A 99 5.16 4.08 -63.54
CA TYR A 99 5.90 5.06 -62.75
C TYR A 99 7.04 5.70 -63.51
N ILE A 100 7.55 6.77 -62.93
CA ILE A 100 8.72 7.49 -63.42
C ILE A 100 9.60 7.53 -62.19
N ALA A 101 10.71 6.80 -62.22
CA ALA A 101 11.63 6.79 -61.09
C ALA A 101 12.63 7.89 -61.39
N ALA A 102 12.68 8.93 -60.55
CA ALA A 102 13.59 10.01 -60.82
C ALA A 102 14.46 10.49 -59.69
N GLN A 103 15.60 11.02 -60.09
CA GLN A 103 16.62 11.60 -59.22
C GLN A 103 16.02 12.88 -58.64
N GLY A 104 16.35 13.17 -57.39
CA GLY A 104 15.87 14.38 -56.76
C GLY A 104 16.40 15.56 -57.54
N PRO A 105 15.53 16.48 -57.96
CA PRO A 105 16.05 17.63 -58.71
C PRO A 105 17.13 18.39 -58.01
N ARG A 106 17.99 19.01 -58.80
CA ARG A 106 19.08 19.82 -58.29
C ARG A 106 18.59 21.25 -58.38
N ASP A 107 19.26 22.16 -57.69
CA ASP A 107 18.84 23.54 -57.72
C ASP A 107 18.87 24.02 -59.15
N GLU A 108 19.80 23.43 -59.91
CA GLU A 108 19.99 23.77 -61.30
C GLU A 108 19.07 22.98 -62.22
N THR A 109 18.32 22.03 -61.65
CA THR A 109 17.41 21.18 -62.39
C THR A 109 15.95 21.43 -62.04
N VAL A 110 15.73 22.21 -60.98
CA VAL A 110 14.36 22.47 -60.54
C VAL A 110 13.34 22.84 -61.63
N ASP A 111 13.78 23.54 -62.68
CA ASP A 111 12.83 23.92 -63.72
C ASP A 111 12.51 22.79 -64.67
N ASP A 112 13.52 22.00 -65.01
CA ASP A 112 13.28 20.86 -65.90
C ASP A 112 12.43 19.81 -65.17
N PHE A 113 12.31 19.92 -63.86
CA PHE A 113 11.53 18.92 -63.12
C PHE A 113 10.06 19.20 -63.21
N TRP A 114 9.70 20.47 -63.09
CA TRP A 114 8.29 20.82 -63.18
C TRP A 114 7.83 20.83 -64.61
N ARG A 115 8.78 20.67 -65.54
CA ARG A 115 8.42 20.63 -66.95
C ARG A 115 7.97 19.21 -67.28
N ILE A 117 6.60 17.15 -65.17
CA ILE A 117 5.29 16.92 -64.56
C ILE A 117 4.16 17.49 -65.44
N TRP A 118 4.48 18.52 -66.21
CA TRP A 118 3.48 19.14 -67.06
C TRP A 118 3.38 18.43 -68.41
N GLU A 119 4.53 18.01 -68.93
CA GLU A 119 4.57 17.31 -70.21
C GLU A 119 4.17 15.83 -70.09
N GLN A 120 4.16 15.30 -68.87
CA GLN A 120 3.79 13.91 -68.67
C GLN A 120 2.41 13.82 -68.04
N LYS A 121 1.82 14.98 -67.77
CA LYS A 121 0.51 15.04 -67.17
C LYS A 121 0.41 14.16 -65.92
N ALA A 122 1.42 14.21 -65.06
CA ALA A 122 1.41 13.43 -63.84
C ALA A 122 0.77 14.32 -62.80
N THR A 123 -0.06 13.74 -61.95
CA THR A 123 -0.75 14.50 -60.91
C THR A 123 -0.64 13.80 -59.56
N VAL A 124 0.45 13.05 -59.41
CA VAL A 124 0.74 12.33 -58.18
C VAL A 124 2.25 12.15 -58.05
N ILE A 125 2.84 12.96 -57.19
CA ILE A 125 4.28 12.90 -56.94
C ILE A 125 4.45 12.20 -55.60
N VAL A 126 5.40 11.28 -55.52
CA VAL A 126 5.65 10.55 -54.30
C VAL A 126 7.10 10.75 -53.93
N VAL A 128 10.04 10.32 -51.37
CA VAL A 128 10.44 9.48 -50.27
C VAL A 128 11.86 9.82 -49.91
N THR A 129 12.03 10.97 -49.26
CA THR A 129 13.33 11.48 -48.82
C THR A 129 13.19 12.85 -48.15
N ARG A 130 14.33 13.40 -47.78
CA ARG A 130 14.37 14.71 -47.15
C ARG A 130 15.41 15.52 -47.91
N CYS A 131 15.10 16.79 -48.19
CA CYS A 131 16.02 17.65 -48.90
C CYS A 131 17.37 17.67 -48.22
N GLU A 132 17.36 17.68 -46.89
CA GLU A 132 18.59 17.72 -46.11
C GLU A 132 18.68 16.52 -45.18
N GLU A 133 19.79 15.78 -45.29
CA GLU A 133 20.08 14.61 -44.46
C GLU A 133 21.57 14.56 -44.20
N GLY A 134 21.95 14.51 -42.92
CA GLY A 134 23.36 14.48 -42.58
C GLY A 134 24.07 15.76 -42.98
N ASN A 135 23.36 16.89 -42.97
CA ASN A 135 23.98 18.15 -43.36
C ASN A 135 24.39 18.23 -44.83
N ARG A 136 23.91 17.28 -45.65
CA ARG A 136 24.23 17.25 -47.08
C ARG A 136 22.92 17.43 -47.84
N ASN A 137 22.96 18.00 -49.03
CA ASN A 137 21.74 18.22 -49.80
C ASN A 137 21.41 16.93 -50.52
N LYS A 138 20.16 16.48 -50.39
CA LYS A 138 19.76 15.25 -51.04
C LYS A 138 18.65 15.55 -52.04
N CYS A 139 18.13 16.78 -52.02
CA CYS A 139 17.06 17.21 -52.91
C CYS A 139 16.68 18.67 -52.69
N ALA A 140 16.57 19.44 -53.76
CA ALA A 140 16.20 20.82 -53.66
C ALA A 140 14.72 20.90 -53.37
N GLU A 141 14.26 21.97 -52.74
CA GLU A 141 12.85 22.12 -52.45
C GLU A 141 12.17 22.75 -53.64
N TYR A 142 11.62 21.90 -54.51
CA TYR A 142 10.96 22.35 -55.72
C TYR A 142 9.54 22.84 -55.54
N TRP A 143 9.16 23.27 -54.35
CA TRP A 143 7.78 23.74 -54.15
C TRP A 143 7.66 24.97 -53.27
N PRO A 144 6.58 25.72 -53.42
CA PRO A 144 6.35 26.94 -52.64
C PRO A 144 6.03 26.61 -51.21
N SER A 145 6.48 27.45 -50.29
CA SER A 145 6.18 27.22 -48.90
C SER A 145 4.76 27.72 -48.76
N GLU A 147 3.67 29.64 -47.23
CA GLU A 147 3.76 31.09 -47.07
C GLU A 147 3.79 31.81 -48.41
N GLU A 148 4.88 31.62 -49.16
CA GLU A 148 5.04 32.26 -50.46
C GLU A 148 3.73 32.10 -51.21
N GLY A 149 3.04 31.00 -50.92
CA GLY A 149 1.74 30.72 -51.55
C GLY A 149 1.77 30.27 -52.98
N THR A 150 2.60 30.93 -53.78
CA THR A 150 2.77 30.59 -55.19
C THR A 150 4.13 31.02 -55.70
N ARG A 151 4.80 30.10 -56.40
CA ARG A 151 6.12 30.33 -56.97
C ARG A 151 6.07 29.63 -58.30
N ALA A 152 6.62 30.26 -59.33
CA ALA A 152 6.61 29.68 -60.67
C ALA A 152 8.00 29.32 -61.13
N PHE A 153 8.20 28.04 -61.42
CA PHE A 153 9.50 27.58 -61.91
C PHE A 153 9.41 27.61 -63.42
N GLY A 154 10.24 28.42 -64.05
CA GLY A 154 10.19 28.53 -65.49
C GLY A 154 8.82 29.03 -65.89
N ASP A 155 8.18 28.32 -66.83
CA ASP A 155 6.86 28.67 -67.34
C ASP A 155 5.77 27.91 -66.59
N VAL A 156 6.16 27.06 -65.64
CA VAL A 156 5.21 26.28 -64.86
C VAL A 156 4.87 26.99 -63.55
N VAL A 157 3.59 27.29 -63.36
CA VAL A 157 3.13 27.98 -62.15
C VAL A 157 2.59 27.03 -61.09
N VAL A 158 3.28 26.95 -59.95
CA VAL A 158 2.88 26.09 -58.86
C VAL A 158 2.31 26.87 -57.68
N LYS A 159 1.13 26.49 -57.24
CA LYS A 159 0.46 27.14 -56.11
C LYS A 159 0.00 26.05 -55.17
N ILE A 160 0.32 26.20 -53.89
CA ILE A 160 -0.11 25.21 -52.91
C ILE A 160 -1.40 25.66 -52.29
N ASN A 161 -2.29 24.71 -52.02
CA ASN A 161 -3.57 25.04 -51.42
C ASN A 161 -3.65 24.43 -50.03
N GLN A 162 -3.41 23.14 -49.95
CA GLN A 162 -3.45 22.46 -48.65
C GLN A 162 -2.09 21.95 -48.22
N HIS A 163 -1.90 21.83 -46.92
CA HIS A 163 -0.66 21.32 -46.37
C HIS A 163 -0.99 20.58 -45.08
N LYS A 164 -1.22 19.28 -45.20
CA LYS A 164 -1.53 18.42 -44.05
C LYS A 164 -0.17 17.93 -43.59
N ARG A 165 0.00 17.69 -42.29
CA ARG A 165 1.31 17.27 -41.76
C ARG A 165 1.22 16.09 -40.81
N CYS A 166 1.17 14.89 -41.36
CA CYS A 166 1.06 13.69 -40.55
C CYS A 166 2.40 13.23 -40.01
N PRO A 167 2.37 12.32 -39.03
CA PRO A 167 3.50 11.70 -38.33
C PRO A 167 4.70 11.20 -39.14
N ASP A 168 4.45 10.78 -40.38
CA ASP A 168 5.53 10.26 -41.21
C ASP A 168 5.56 10.92 -42.59
N TYR A 169 4.41 11.42 -43.02
CA TYR A 169 4.33 12.04 -44.32
C TYR A 169 3.58 13.35 -44.31
N ILE A 170 3.90 14.24 -45.25
CA ILE A 170 3.20 15.49 -45.36
C ILE A 170 2.58 15.54 -46.74
N ILE A 171 1.27 15.67 -46.76
CA ILE A 171 0.51 15.70 -47.99
C ILE A 171 0.16 17.10 -48.44
N GLN A 172 0.61 17.48 -49.63
CA GLN A 172 0.33 18.79 -50.17
C GLN A 172 -0.60 18.69 -51.37
N LYS A 173 -1.47 19.68 -51.52
CA LYS A 173 -2.45 19.77 -52.59
C LYS A 173 -2.12 20.99 -53.43
N LEU A 174 -1.46 20.77 -54.56
CA LEU A 174 -1.07 21.87 -55.44
C LEU A 174 -1.97 22.07 -56.66
N ASN A 175 -1.71 23.17 -57.38
CA ASN A 175 -2.42 23.53 -58.61
C ASN A 175 -1.39 24.11 -59.56
N ILE A 176 -1.05 23.35 -60.60
CA ILE A 176 -0.08 23.82 -61.57
C ILE A 176 -0.69 24.13 -62.94
N VAL A 177 -0.12 25.09 -63.64
CA VAL A 177 -0.60 25.49 -64.96
C VAL A 177 0.56 26.13 -65.70
N ASN A 178 0.56 26.04 -67.02
CA ASN A 178 1.60 26.68 -67.83
C ASN A 178 0.89 27.94 -68.29
N LYS A 179 1.38 29.11 -67.89
CA LYS A 179 0.67 30.30 -68.29
C LYS A 179 1.10 30.80 -69.65
N LYS A 180 2.19 30.24 -70.17
CA LYS A 180 2.67 30.62 -71.50
C LYS A 180 2.12 29.52 -72.39
N GLU A 181 0.80 29.33 -72.36
CA GLU A 181 0.16 28.26 -73.13
C GLU A 181 -1.27 28.07 -72.66
N LYS A 182 -2.20 28.86 -73.18
CA LYS A 182 -3.60 28.74 -72.79
C LYS A 182 -4.07 27.28 -72.70
N ALA A 183 -4.12 26.79 -71.47
CA ALA A 183 -4.55 25.44 -71.11
C ALA A 183 -4.86 25.65 -69.64
N THR A 184 -5.74 24.82 -69.08
CA THR A 184 -6.13 25.01 -67.68
C THR A 184 -5.41 24.21 -66.61
N GLY A 185 -5.29 24.84 -65.44
CA GLY A 185 -4.61 24.25 -64.31
C GLY A 185 -5.00 22.85 -63.93
N ARG A 186 -4.07 22.15 -63.29
CA ARG A 186 -4.27 20.78 -62.87
C ARG A 186 -3.96 20.61 -61.37
N GLU A 187 -4.76 19.80 -60.72
CA GLU A 187 -4.65 19.50 -59.30
C GLU A 187 -3.59 18.41 -59.06
N VAL A 188 -2.51 18.77 -58.36
CA VAL A 188 -1.45 17.79 -58.08
C VAL A 188 -1.38 17.40 -56.61
N THR A 189 -1.03 16.15 -56.35
CA THR A 189 -0.92 15.65 -54.99
C THR A 189 0.53 15.27 -54.72
N HIS A 190 1.11 15.87 -53.70
CA HIS A 190 2.50 15.63 -53.35
C HIS A 190 2.61 15.06 -51.94
N ILE A 191 3.15 13.85 -51.81
CA ILE A 191 3.33 13.24 -50.50
C ILE A 191 4.81 13.13 -50.26
N GLN A 192 5.21 13.40 -49.02
CA GLN A 192 6.62 13.29 -48.64
C GLN A 192 6.72 12.41 -47.40
N PHE A 193 7.39 11.28 -47.55
CA PHE A 193 7.56 10.37 -46.44
C PHE A 193 8.87 10.72 -45.75
N THR A 194 8.78 11.20 -44.53
CA THR A 194 9.96 11.60 -43.80
C THR A 194 10.54 10.62 -42.79
N SER A 195 9.95 9.43 -42.66
CA SER A 195 10.47 8.48 -41.71
C SER A 195 11.34 7.40 -42.39
N TRP A 196 12.02 7.79 -43.46
CA TRP A 196 12.84 6.84 -44.20
C TRP A 196 14.27 7.31 -44.44
N PRO A 197 15.25 6.65 -43.79
CA PRO A 197 16.69 6.96 -43.89
C PRO A 197 17.39 6.55 -45.17
N ASP A 198 18.18 7.46 -45.74
CA ASP A 198 18.93 7.22 -46.98
C ASP A 198 19.80 5.97 -46.84
N HIS A 199 19.67 5.06 -47.80
CA HIS A 199 20.42 3.80 -47.77
C HIS A 199 19.87 2.92 -46.64
N GLY A 200 18.89 3.42 -45.91
CA GLY A 200 18.34 2.65 -44.81
C GLY A 200 16.97 2.05 -45.04
N VAL A 201 16.16 2.02 -43.99
CA VAL A 201 14.79 1.48 -44.04
C VAL A 201 13.97 2.15 -42.94
N PRO A 202 12.64 2.15 -43.08
CA PRO A 202 11.84 2.79 -42.03
C PRO A 202 11.94 2.01 -40.72
N GLU A 203 11.02 2.24 -39.82
CA GLU A 203 11.05 1.56 -38.53
C GLU A 203 10.22 0.30 -38.63
N ASP A 204 8.95 0.46 -38.95
CA ASP A 204 8.05 -0.67 -39.04
C ASP A 204 7.48 -0.84 -40.46
N PRO A 205 7.53 -2.07 -41.00
CA PRO A 205 6.99 -2.26 -42.34
C PRO A 205 5.62 -1.62 -42.52
N HIS A 206 4.77 -1.67 -41.50
CA HIS A 206 3.45 -1.07 -41.64
C HIS A 206 3.46 0.39 -42.08
N LEU A 207 4.58 1.08 -41.85
CA LEU A 207 4.65 2.48 -42.25
C LEU A 207 4.63 2.55 -43.77
N LEU A 208 5.34 1.64 -44.42
CA LEU A 208 5.40 1.57 -45.88
C LEU A 208 4.06 1.10 -46.42
N LEU A 209 3.52 0.05 -45.81
CA LEU A 209 2.24 -0.49 -46.22
C LEU A 209 1.24 0.65 -46.06
N LYS A 210 1.57 1.58 -45.16
CA LYS A 210 0.73 2.74 -44.85
C LYS A 210 0.62 3.76 -45.98
N LEU A 211 1.71 4.40 -46.36
CA LEU A 211 1.62 5.39 -47.43
C LEU A 211 1.25 4.77 -48.77
N ARG A 212 1.36 3.45 -48.89
CA ARG A 212 0.98 2.83 -50.15
C ARG A 212 -0.52 2.92 -50.21
N ARG A 213 -1.17 2.48 -49.14
CA ARG A 213 -2.62 2.51 -49.06
C ARG A 213 -3.10 3.90 -49.45
N ARG A 214 -2.30 4.91 -49.10
CA ARG A 214 -2.65 6.29 -49.37
C ARG A 214 -2.23 6.94 -50.68
N VAL A 215 -1.34 6.33 -51.47
CA VAL A 215 -1.02 6.95 -52.76
C VAL A 215 -1.97 6.32 -53.77
N ASN A 216 -2.37 5.08 -53.48
CA ASN A 216 -3.30 4.33 -54.32
C ASN A 216 -4.65 5.02 -54.22
N ALA A 217 -4.81 5.78 -53.15
CA ALA A 217 -6.06 6.48 -52.90
C ALA A 217 -6.14 7.79 -53.65
N PHE A 218 -4.99 8.35 -54.01
CA PHE A 218 -4.99 9.63 -54.70
C PHE A 218 -5.46 9.57 -56.15
N SER A 219 -6.18 10.60 -56.56
CA SER A 219 -6.71 10.67 -57.91
C SER A 219 -5.72 11.07 -59.00
N ASN A 220 -5.67 10.25 -60.04
CA ASN A 220 -4.84 10.48 -61.22
C ASN A 220 -5.76 10.76 -62.41
N PHE A 221 -6.12 12.02 -62.56
CA PHE A 221 -7.03 12.48 -63.61
C PHE A 221 -6.53 12.29 -65.06
N PHE A 222 -5.23 12.20 -65.29
CA PHE A 222 -4.74 12.06 -66.67
C PHE A 222 -4.08 10.74 -67.02
N SER A 223 -4.30 9.72 -66.21
CA SER A 223 -3.72 8.40 -66.42
C SER A 223 -2.24 8.56 -66.71
N GLY A 224 -1.63 9.55 -66.08
CA GLY A 224 -0.22 9.81 -66.27
C GLY A 224 0.61 8.92 -65.41
N PRO A 225 1.94 8.99 -65.53
CA PRO A 225 2.82 8.15 -64.73
C PRO A 225 2.86 8.67 -63.32
N ILE A 226 3.35 7.86 -62.40
CA ILE A 226 3.45 8.26 -61.02
C ILE A 226 4.90 8.54 -60.76
N VAL A 227 5.21 9.78 -60.37
CA VAL A 227 6.58 10.17 -60.08
C VAL A 227 6.96 9.73 -58.69
N VAL A 228 7.95 8.87 -58.62
CA VAL A 228 8.45 8.36 -57.35
C VAL A 228 9.91 8.69 -57.33
N HIS A 229 10.29 9.72 -56.60
CA HIS A 229 11.69 10.08 -56.56
C HIS A 229 12.21 10.17 -55.15
N SER A 230 13.53 10.17 -55.04
CA SER A 230 14.20 10.27 -53.76
C SER A 230 15.44 11.13 -54.04
N SER A 231 16.60 10.66 -53.61
CA SER A 231 17.83 11.41 -53.84
C SER A 231 18.46 11.02 -55.19
N ALA A 232 18.70 9.73 -55.39
CA ALA A 232 19.28 9.29 -56.65
C ALA A 232 18.16 8.71 -57.51
N GLY A 233 17.05 8.38 -56.87
CA GLY A 233 15.91 7.84 -57.57
C GLY A 233 15.92 6.34 -57.68
N VAL A 234 16.95 5.70 -57.20
CA VAL A 234 17.03 4.26 -57.30
C VAL A 234 16.72 3.47 -56.02
N GLY A 235 17.35 3.86 -54.91
CA GLY A 235 17.16 3.17 -53.64
C GLY A 235 15.79 3.12 -52.97
N ARG A 236 15.44 4.17 -52.22
CA ARG A 236 14.17 4.19 -51.52
C ARG A 236 13.05 4.12 -52.51
N THR A 237 13.18 4.81 -53.64
CA THR A 237 12.13 4.79 -54.65
C THR A 237 11.94 3.39 -55.26
N GLY A 238 13.03 2.75 -55.67
CA GLY A 238 12.92 1.41 -56.22
C GLY A 238 12.20 0.50 -55.24
N THR A 239 12.55 0.63 -53.97
CA THR A 239 11.94 -0.17 -52.93
C THR A 239 10.42 0.04 -52.84
N TYR A 240 9.98 1.29 -52.87
CA TYR A 240 8.54 1.61 -52.79
C TYR A 240 7.76 0.93 -53.89
N ILE A 241 8.23 1.09 -55.12
CA ILE A 241 7.60 0.48 -56.28
C ILE A 241 7.53 -1.02 -56.01
N GLY A 242 8.65 -1.60 -55.62
CA GLY A 242 8.66 -3.02 -55.32
C GLY A 242 7.43 -3.46 -54.58
N ILE A 243 7.18 -2.86 -53.42
CA ILE A 243 6.01 -3.23 -52.63
C ILE A 243 4.72 -3.00 -53.40
N ASP A 244 4.49 -1.77 -53.86
CA ASP A 244 3.25 -1.48 -54.59
C ASP A 244 2.95 -2.55 -55.62
N ALA A 245 3.91 -2.84 -56.49
CA ALA A 245 3.76 -3.84 -57.53
C ALA A 245 3.48 -5.24 -56.95
N LEU A 247 2.41 -6.20 -54.41
CA LEU A 247 1.18 -6.33 -53.63
C LEU A 247 0.07 -6.58 -54.62
N GLU A 248 0.07 -5.85 -55.71
CA GLU A 248 -0.93 -6.07 -56.75
C GLU A 248 -0.75 -7.55 -57.11
N GLY A 249 0.50 -7.93 -57.34
CA GLY A 249 0.84 -9.29 -57.73
C GLY A 249 0.42 -10.36 -56.76
N LEU A 250 0.06 -9.97 -55.55
CA LEU A 250 -0.36 -10.92 -54.53
C LEU A 250 -1.88 -10.86 -54.50
N GLU A 251 -2.40 -9.65 -54.55
CA GLU A 251 -3.84 -9.43 -54.53
C GLU A 251 -4.34 -9.88 -55.91
N ALA A 252 -3.46 -10.53 -56.66
CA ALA A 252 -3.82 -10.97 -58.00
C ALA A 252 -3.61 -12.47 -58.29
N GLU A 253 -2.50 -13.02 -57.81
CA GLU A 253 -2.19 -14.42 -58.04
C GLU A 253 -1.79 -15.18 -56.79
N ASN A 254 -1.86 -14.54 -55.63
CA ASN A 254 -1.48 -15.20 -54.41
C ASN A 254 -0.07 -15.78 -54.47
N LYS A 255 0.75 -15.13 -55.27
CA LYS A 255 2.14 -15.54 -55.42
C LYS A 255 2.91 -14.27 -55.63
N VAL A 256 4.23 -14.30 -55.45
CA VAL A 256 5.02 -13.11 -55.64
C VAL A 256 6.45 -13.45 -56.06
N ASP A 257 6.86 -12.94 -57.23
CA ASP A 257 8.23 -13.19 -57.70
C ASP A 257 9.06 -11.93 -57.48
N VAL A 258 9.34 -11.65 -56.21
CA VAL A 258 10.11 -10.47 -55.85
C VAL A 258 11.43 -10.46 -56.58
N TYR A 259 12.22 -11.50 -56.36
CA TYR A 259 13.51 -11.60 -57.03
C TYR A 259 13.33 -11.13 -58.47
N GLY A 260 12.42 -11.80 -59.16
CA GLY A 260 12.15 -11.49 -60.55
C GLY A 260 11.80 -10.03 -60.79
N TYR A 261 10.86 -9.52 -60.01
CA TYR A 261 10.46 -8.12 -60.17
C TYR A 261 11.59 -7.12 -59.88
N VAL A 262 12.56 -7.51 -59.04
CA VAL A 262 13.69 -6.63 -58.74
C VAL A 262 14.62 -6.66 -59.94
N VAL A 263 14.90 -7.87 -60.41
CA VAL A 263 15.77 -8.04 -61.56
C VAL A 263 15.15 -7.29 -62.73
N LYS A 264 13.84 -7.43 -62.86
CA LYS A 264 13.08 -6.78 -63.91
C LYS A 264 13.23 -5.27 -63.77
N LEU A 265 13.32 -4.79 -62.53
CA LEU A 265 13.48 -3.37 -62.24
C LEU A 265 14.91 -2.96 -62.57
N ARG A 266 15.85 -3.71 -62.00
CA ARG A 266 17.26 -3.47 -62.21
C ARG A 266 17.60 -3.40 -63.69
N ARG A 267 16.66 -3.81 -64.54
CA ARG A 267 16.86 -3.77 -65.99
C ARG A 267 16.43 -2.42 -66.57
N GLN A 268 15.61 -1.68 -65.84
CA GLN A 268 15.13 -0.37 -66.28
C GLN A 268 15.91 0.80 -65.67
N ARG A 269 16.45 0.56 -64.49
CA ARG A 269 17.20 1.60 -63.81
C ARG A 269 18.21 0.91 -62.90
N CYS A 270 19.46 1.34 -62.99
CA CYS A 270 20.51 0.73 -62.21
C CYS A 270 20.38 0.87 -60.72
N LEU A 271 20.98 -0.09 -60.04
CA LEU A 271 20.99 -0.12 -58.61
C LEU A 271 19.64 0.03 -57.92
N VAL A 273 16.69 -0.57 -55.73
CA VAL A 273 16.63 -1.42 -54.55
C VAL A 273 18.08 -1.69 -54.18
N GLN A 274 18.81 -0.62 -53.86
CA GLN A 274 20.24 -0.68 -53.54
C GLN A 274 20.72 -1.33 -52.25
N VAL A 275 19.81 -1.81 -51.39
CA VAL A 275 20.26 -2.41 -50.14
C VAL A 275 19.58 -3.71 -49.69
N GLU A 276 20.40 -4.62 -49.17
CA GLU A 276 19.96 -5.91 -48.67
C GLU A 276 18.82 -5.72 -47.71
N ALA A 277 18.91 -4.65 -46.93
CA ALA A 277 17.90 -4.33 -45.93
C ALA A 277 16.59 -3.97 -46.60
N GLN A 278 16.67 -3.21 -47.67
CA GLN A 278 15.48 -2.81 -48.40
C GLN A 278 14.92 -4.03 -49.12
N TYR A 279 15.83 -4.90 -49.55
CA TYR A 279 15.44 -6.15 -50.21
C TYR A 279 14.59 -6.93 -49.20
N ILE A 280 15.17 -7.21 -48.05
CA ILE A 280 14.47 -7.95 -47.01
C ILE A 280 13.21 -7.20 -46.58
N LEU A 281 13.22 -5.89 -46.74
CA LEU A 281 12.07 -5.07 -46.35
C LEU A 281 10.86 -5.43 -47.21
N ILE A 282 11.03 -5.38 -48.54
CA ILE A 282 9.96 -5.68 -49.49
C ILE A 282 9.22 -6.96 -49.13
N HIS A 283 9.99 -7.96 -48.71
CA HIS A 283 9.46 -9.25 -48.33
C HIS A 283 8.59 -9.11 -47.08
N GLN A 284 9.15 -8.47 -46.05
CA GLN A 284 8.45 -8.25 -44.79
C GLN A 284 7.14 -7.53 -45.04
N ALA A 285 7.18 -6.56 -45.93
CA ALA A 285 5.99 -5.79 -46.27
C ALA A 285 4.88 -6.74 -46.71
N LEU A 286 5.26 -7.69 -47.55
CA LEU A 286 4.33 -8.69 -48.08
C LEU A 286 3.96 -9.71 -47.01
N VAL A 287 4.94 -10.13 -46.24
CA VAL A 287 4.71 -11.10 -45.20
C VAL A 287 3.72 -10.58 -44.15
N GLU A 288 3.78 -9.28 -43.89
CA GLU A 288 2.90 -8.66 -42.90
C GLU A 288 1.53 -8.25 -43.43
N TYR A 289 1.44 -7.83 -44.68
CA TYR A 289 0.14 -7.47 -45.21
C TYR A 289 -0.60 -8.77 -45.35
N ASN A 290 0.15 -9.79 -45.74
CA ASN A 290 -0.40 -11.11 -45.93
C ASN A 290 -0.99 -11.51 -44.58
N GLN A 291 -0.08 -11.71 -43.64
CA GLN A 291 -0.40 -12.11 -42.29
C GLN A 291 -1.60 -11.41 -41.65
N PHE A 292 -1.51 -10.10 -41.38
CA PHE A 292 -2.59 -9.37 -40.71
C PHE A 292 -3.55 -8.64 -41.64
N GLY A 293 -3.13 -8.40 -42.87
CA GLY A 293 -4.00 -7.73 -43.81
C GLY A 293 -4.19 -6.26 -43.56
N GLU A 294 -5.29 -5.70 -44.07
CA GLU A 294 -5.55 -4.28 -43.90
C GLU A 294 -6.63 -4.02 -42.88
N THR A 295 -6.18 -3.47 -41.76
CA THR A 295 -7.01 -3.14 -40.61
C THR A 295 -6.98 -1.63 -40.41
N GLU A 296 -7.89 -0.88 -41.03
CA GLU A 296 -7.84 0.57 -40.87
C GLU A 296 -9.04 1.38 -41.36
N VAL A 297 -10.22 1.10 -40.81
CA VAL A 297 -11.44 1.81 -41.21
C VAL A 297 -11.26 3.34 -41.26
N ASN A 298 -12.13 4.01 -42.01
CA ASN A 298 -12.08 5.47 -42.11
C ASN A 298 -13.28 6.06 -41.35
N LEU A 299 -13.06 7.17 -40.66
CA LEU A 299 -14.13 7.77 -39.88
C LEU A 299 -15.41 7.87 -40.69
N SER A 300 -15.25 7.94 -42.01
CA SER A 300 -16.39 8.02 -42.92
C SER A 300 -17.23 6.75 -42.80
N GLU A 301 -16.56 5.62 -43.03
CA GLU A 301 -17.21 4.32 -42.99
C GLU A 301 -16.87 3.52 -41.73
N LEU A 302 -17.04 4.12 -40.55
CA LEU A 302 -16.75 3.42 -39.31
C LEU A 302 -17.94 2.60 -38.80
N HIS A 303 -19.08 3.26 -38.65
CA HIS A 303 -20.28 2.56 -38.18
C HIS A 303 -20.71 1.38 -39.05
N PRO A 304 -20.51 1.48 -40.37
CA PRO A 304 -20.90 0.39 -41.28
C PRO A 304 -19.97 -0.81 -41.00
N TYR A 305 -18.69 -0.60 -41.29
CA TYR A 305 -17.65 -1.60 -41.10
C TYR A 305 -17.82 -2.33 -39.78
N LEU A 306 -17.83 -1.57 -38.69
CA LEU A 306 -17.95 -2.17 -37.37
C LEU A 306 -19.23 -3.00 -37.18
N HIS A 307 -20.37 -2.47 -37.63
CA HIS A 307 -21.62 -3.19 -37.47
C HIS A 307 -21.63 -4.63 -38.02
N ASN A 308 -21.05 -4.82 -39.19
CA ASN A 308 -21.03 -6.14 -39.78
C ASN A 308 -19.85 -6.93 -39.21
N LYS A 310 -19.01 -7.04 -36.31
CA LYS A 310 -19.50 -7.59 -35.05
C LYS A 310 -20.48 -8.75 -35.18
N LYS A 311 -21.15 -8.83 -36.35
CA LYS A 311 -22.12 -9.89 -36.57
C LYS A 311 -21.52 -11.18 -37.17
N ARG A 312 -22.05 -12.31 -36.69
CA ARG A 312 -21.65 -13.66 -37.11
C ARG A 312 -22.94 -14.44 -37.44
N ASP A 313 -23.35 -14.44 -38.71
CA ASP A 313 -24.59 -15.12 -39.12
C ASP A 313 -24.70 -16.57 -38.68
N PRO A 314 -23.64 -17.36 -38.82
CA PRO A 314 -23.81 -18.74 -38.34
C PRO A 314 -23.21 -18.72 -36.91
N PRO A 315 -23.98 -18.24 -35.90
CA PRO A 315 -23.58 -18.13 -34.49
C PRO A 315 -22.72 -19.24 -33.87
N SER A 316 -22.68 -20.40 -34.51
CA SER A 316 -21.87 -21.52 -34.02
C SER A 316 -20.42 -21.15 -34.30
N GLU A 317 -20.25 -19.93 -34.79
CA GLU A 317 -18.95 -19.37 -35.16
C GLU A 317 -18.76 -17.97 -34.57
N PRO A 318 -17.52 -17.47 -34.55
CA PRO A 318 -17.23 -16.13 -34.03
C PRO A 318 -17.50 -15.02 -35.07
N SER A 319 -17.41 -13.77 -34.64
CA SER A 319 -17.63 -12.62 -35.50
C SER A 319 -16.31 -12.25 -36.18
N PRO A 320 -16.38 -11.64 -37.38
CA PRO A 320 -15.20 -11.23 -38.14
C PRO A 320 -14.20 -10.52 -37.26
N LEU A 321 -14.73 -9.65 -36.40
CA LEU A 321 -13.94 -8.86 -35.47
C LEU A 321 -13.15 -9.78 -34.55
N GLU A 322 -13.84 -10.81 -34.05
CA GLU A 322 -13.19 -11.77 -33.19
C GLU A 322 -12.02 -12.37 -33.99
N ALA A 323 -12.23 -12.53 -35.29
CA ALA A 323 -11.18 -13.09 -36.15
C ALA A 323 -9.97 -12.20 -36.08
N GLU A 324 -10.23 -10.91 -36.19
CA GLU A 324 -9.22 -9.88 -36.16
C GLU A 324 -8.41 -9.97 -34.87
N PHE A 325 -9.11 -9.95 -33.74
CA PHE A 325 -8.45 -10.00 -32.45
C PHE A 325 -7.55 -11.21 -32.33
N GLN A 326 -7.97 -12.29 -32.95
CA GLN A 326 -7.21 -13.51 -32.88
C GLN A 326 -5.97 -13.47 -33.74
N ARG A 327 -6.00 -12.71 -34.82
CA ARG A 327 -4.83 -12.61 -35.67
C ARG A 327 -3.77 -11.80 -34.96
N LEU A 328 -4.21 -10.99 -34.01
CA LEU A 328 -3.31 -10.14 -33.24
C LEU A 328 -2.30 -10.95 -32.43
N PRO A 329 -1.00 -10.76 -32.74
CA PRO A 329 0.07 -11.45 -32.05
C PRO A 329 -0.04 -11.22 -30.57
N SER A 330 0.89 -11.81 -29.81
CA SER A 330 0.93 -11.65 -28.37
C SER A 330 2.32 -12.12 -28.04
N TYR A 331 3.21 -11.14 -28.14
CA TYR A 331 4.66 -11.25 -27.96
C TYR A 331 5.11 -11.90 -26.66
N ARG A 332 4.30 -12.83 -26.15
CA ARG A 332 4.54 -13.48 -24.86
C ARG A 332 5.92 -13.28 -24.22
N SER A 333 6.98 -13.73 -24.88
CA SER A 333 8.29 -13.52 -24.30
C SER A 333 9.15 -12.75 -25.29
N TRP A 334 8.43 -12.07 -26.18
CA TRP A 334 8.97 -11.22 -27.25
C TRP A 334 10.40 -10.70 -27.12
N ARG A 335 10.79 -10.32 -25.91
CA ARG A 335 12.14 -9.82 -25.72
C ARG A 335 12.64 -9.87 -24.29
N THR A 336 13.91 -9.50 -24.14
CA THR A 336 14.61 -9.50 -22.86
C THR A 336 14.02 -8.56 -21.81
N GLN A 337 13.82 -9.12 -20.62
CA GLN A 337 13.31 -8.40 -19.46
C GLN A 337 13.90 -9.02 -18.19
N HIS A 338 15.22 -8.88 -18.07
CA HIS A 338 16.00 -9.41 -16.96
C HIS A 338 16.01 -8.40 -15.80
N ILE A 339 16.30 -7.15 -16.15
CA ILE A 339 16.36 -6.06 -15.18
C ILE A 339 15.23 -6.20 -14.18
N GLY A 340 14.02 -6.29 -14.73
CA GLY A 340 12.83 -6.42 -13.92
C GLY A 340 12.73 -7.67 -13.08
N ASN A 341 13.55 -8.67 -13.40
CA ASN A 341 13.52 -9.93 -12.66
C ASN A 341 14.69 -10.20 -11.71
N GLN A 342 15.24 -9.16 -11.08
CA GLN A 342 16.32 -9.38 -10.13
C GLN A 342 15.79 -9.65 -8.73
N GLU A 343 16.61 -10.24 -7.88
CA GLU A 343 16.19 -10.61 -6.53
C GLU A 343 15.45 -9.52 -5.73
N GLU A 344 16.10 -8.38 -5.58
CA GLU A 344 15.52 -7.25 -4.86
C GLU A 344 14.31 -6.64 -5.61
N ASN A 345 14.38 -6.66 -6.94
CA ASN A 345 13.35 -6.07 -7.78
C ASN A 345 12.04 -6.86 -7.89
N LYS A 346 12.10 -8.16 -7.65
CA LYS A 346 10.89 -8.99 -7.72
C LYS A 346 9.86 -8.53 -6.68
N SER A 347 10.33 -7.73 -5.73
CA SER A 347 9.51 -7.20 -4.65
C SER A 347 9.23 -5.72 -4.91
N LYS A 348 9.36 -5.35 -6.18
CA LYS A 348 9.12 -3.98 -6.60
C LYS A 348 8.08 -4.02 -7.71
N ASN A 349 7.43 -5.18 -7.86
CA ASN A 349 6.41 -5.36 -8.88
C ASN A 349 5.09 -5.77 -8.24
N ARG A 350 4.07 -4.92 -8.36
CA ARG A 350 2.75 -5.24 -7.82
C ARG A 350 2.34 -6.56 -8.48
N ASN A 351 2.99 -6.87 -9.60
CA ASN A 351 2.74 -8.09 -10.35
C ASN A 351 4.01 -8.58 -11.03
N SER A 352 4.52 -9.74 -10.58
CA SER A 352 5.76 -10.34 -11.07
C SER A 352 5.82 -10.64 -12.55
N ASN A 353 4.68 -10.98 -13.15
CA ASN A 353 4.65 -11.26 -14.58
C ASN A 353 3.96 -10.15 -15.35
N VAL A 354 4.47 -8.94 -15.14
CA VAL A 354 4.01 -7.73 -15.82
C VAL A 354 5.18 -6.77 -15.67
N ILE A 355 6.37 -7.30 -15.97
CA ILE A 355 7.59 -6.54 -15.89
C ILE A 355 7.92 -5.86 -17.22
N PRO A 356 8.45 -4.63 -17.17
CA PRO A 356 8.80 -3.91 -18.39
C PRO A 356 9.93 -4.56 -19.18
N TYR A 357 9.88 -4.47 -20.49
CA TYR A 357 10.93 -5.07 -21.31
C TYR A 357 12.19 -4.25 -21.07
N ASP A 358 13.35 -4.91 -20.98
CA ASP A 358 14.62 -4.22 -20.77
C ASP A 358 14.74 -3.11 -21.81
N TYR A 359 14.16 -3.39 -22.98
CA TYR A 359 14.17 -2.50 -24.12
C TYR A 359 13.39 -1.18 -24.02
N ASN A 360 12.65 -0.97 -22.93
CA ASN A 360 11.92 0.29 -22.77
C ASN A 360 11.64 0.66 -21.32
N ARG A 361 12.08 -0.19 -20.39
CA ARG A 361 11.89 0.07 -18.97
C ARG A 361 12.39 1.48 -18.70
N VAL A 362 11.70 2.21 -17.85
CA VAL A 362 12.12 3.58 -17.53
C VAL A 362 13.35 3.61 -16.61
N PRO A 363 14.50 4.02 -17.16
CA PRO A 363 15.74 4.09 -16.38
C PRO A 363 15.44 5.05 -15.22
N LEU A 364 16.11 4.84 -14.09
CA LEU A 364 15.87 5.70 -12.93
C LEU A 364 17.11 6.54 -12.52
N LYS A 365 17.73 7.23 -13.48
CA LYS A 365 18.94 8.06 -13.27
C LYS A 365 19.18 8.46 -11.81
N SER A 392 21.83 4.11 -12.83
CA SER A 392 20.47 3.71 -13.18
C SER A 392 19.91 2.78 -12.11
N LYS A 393 18.61 2.89 -11.84
CA LYS A 393 17.95 2.07 -10.83
C LYS A 393 16.65 1.50 -11.39
N TYR A 394 15.93 0.69 -10.61
CA TYR A 394 14.68 0.08 -11.07
C TYR A 394 13.32 0.62 -10.60
N ILE A 395 12.40 0.64 -11.56
CA ILE A 395 11.03 1.10 -11.37
C ILE A 395 10.22 0.46 -12.49
N ASN A 396 9.15 -0.25 -12.11
CA ASN A 396 8.28 -0.95 -13.07
C ASN A 396 7.41 -0.04 -13.93
N ALA A 397 8.02 0.66 -14.89
CA ALA A 397 7.27 1.55 -15.77
C ALA A 397 7.78 1.42 -17.18
N SER A 398 6.83 1.41 -18.13
CA SER A 398 7.17 1.26 -19.53
C SER A 398 6.94 2.51 -20.38
N PHE A 399 7.88 2.80 -21.27
CA PHE A 399 7.74 3.92 -22.19
C PHE A 399 6.76 3.51 -23.26
N ILE A 400 5.85 4.40 -23.62
CA ILE A 400 4.87 4.10 -24.65
C ILE A 400 4.92 5.11 -25.78
N SER A 402 3.79 7.53 -28.80
CA SER A 402 2.62 8.40 -28.98
C SER A 402 2.36 8.74 -30.44
N TYR A 403 1.10 8.93 -30.79
CA TYR A 403 0.75 9.26 -32.15
C TYR A 403 1.77 10.18 -32.80
N TRP A 404 2.15 11.25 -32.12
CA TRP A 404 3.12 12.16 -32.70
C TRP A 404 4.51 11.78 -32.27
N LYS A 405 5.24 11.15 -33.18
CA LYS A 405 6.60 10.74 -32.90
C LYS A 405 7.45 12.00 -32.89
N PRO A 406 8.46 12.08 -32.02
CA PRO A 406 8.91 11.10 -31.01
C PRO A 406 8.30 11.19 -29.62
N GLU A 407 7.23 11.96 -29.45
CA GLU A 407 6.60 12.10 -28.14
C GLU A 407 6.29 10.76 -27.48
N VAL A 408 6.59 10.66 -26.20
CA VAL A 408 6.35 9.44 -25.49
C VAL A 408 5.71 9.66 -24.11
N ILE A 410 4.59 7.66 -20.23
CA ILE A 410 4.92 6.55 -19.34
C ILE A 410 3.66 5.82 -18.91
N ALA A 411 3.68 4.50 -18.98
CA ALA A 411 2.55 3.66 -18.57
C ALA A 411 3.08 2.78 -17.45
N ALA A 412 3.02 3.29 -16.24
CA ALA A 412 3.50 2.58 -15.08
C ALA A 412 2.39 2.02 -14.19
N GLN A 413 2.79 1.35 -13.12
CA GLN A 413 1.86 0.74 -12.19
C GLN A 413 1.72 1.63 -10.98
N GLY A 414 0.54 1.58 -10.34
CA GLY A 414 0.33 2.37 -9.15
C GLY A 414 1.52 2.06 -8.26
N PRO A 415 2.11 3.07 -7.59
CA PRO A 415 3.27 2.84 -6.73
C PRO A 415 3.06 1.81 -5.64
N LEU A 416 4.13 1.14 -5.25
CA LEU A 416 4.04 0.18 -4.19
C LEU A 416 4.44 0.86 -2.91
N LYS A 417 3.71 0.52 -1.84
CA LYS A 417 3.92 1.08 -0.53
C LYS A 417 5.39 1.26 -0.16
N GLU A 418 6.29 0.71 -0.98
CA GLU A 418 7.71 0.82 -0.74
C GLU A 418 8.47 1.56 -1.85
N THR A 419 7.83 1.72 -3.01
CA THR A 419 8.46 2.43 -4.14
C THR A 419 7.96 3.87 -4.24
N ILE A 420 6.94 4.21 -3.45
CA ILE A 420 6.39 5.54 -3.46
C ILE A 420 7.46 6.60 -3.57
N GLY A 421 8.66 6.28 -3.13
CA GLY A 421 9.74 7.26 -3.21
C GLY A 421 10.26 7.40 -4.63
N ASP A 422 10.68 6.28 -5.19
CA ASP A 422 11.21 6.25 -6.55
C ASP A 422 10.20 6.90 -7.49
N PHE A 423 8.94 6.50 -7.38
CA PHE A 423 7.86 7.01 -8.21
C PHE A 423 8.00 8.51 -8.47
N TRP A 424 8.11 9.29 -7.40
CA TRP A 424 8.26 10.74 -7.56
C TRP A 424 9.56 11.12 -8.24
N GLN A 425 10.62 10.35 -8.00
CA GLN A 425 11.90 10.65 -8.65
C GLN A 425 11.60 10.65 -10.14
N ILE A 427 8.58 10.96 -11.82
CA ILE A 427 7.72 12.00 -12.35
C ILE A 427 8.39 13.34 -12.22
N PHE A 428 9.60 13.35 -11.68
CA PHE A 428 10.32 14.59 -11.55
C PHE A 428 11.46 14.64 -12.55
N GLN A 429 12.16 13.51 -12.69
CA GLN A 429 13.28 13.42 -13.62
C GLN A 429 12.78 13.48 -15.06
N ARG A 430 11.79 12.66 -15.38
CA ARG A 430 11.24 12.62 -16.72
C ARG A 430 10.29 13.78 -16.97
N LYS A 431 10.23 14.70 -16.01
CA LYS A 431 9.38 15.89 -16.10
C LYS A 431 7.94 15.65 -16.48
N VAL A 432 7.22 14.90 -15.65
CA VAL A 432 5.82 14.65 -15.91
C VAL A 432 5.00 15.92 -15.59
N LYS A 433 3.96 16.16 -16.36
CA LYS A 433 3.10 17.33 -16.16
C LYS A 433 1.71 16.92 -15.70
N VAL A 434 1.26 15.76 -16.13
CA VAL A 434 -0.07 15.26 -15.77
C VAL A 434 -0.02 13.76 -15.50
N ILE A 435 -0.67 13.34 -14.43
CA ILE A 435 -0.73 11.94 -14.06
C ILE A 435 -2.19 11.51 -14.17
N VAL A 436 -2.43 10.31 -14.69
CA VAL A 436 -3.79 9.80 -14.80
C VAL A 436 -3.88 8.49 -14.06
N LEU A 438 -6.04 5.45 -12.96
CA LEU A 438 -7.28 4.76 -13.29
C LEU A 438 -7.85 3.86 -12.17
N THR A 439 -7.24 3.88 -10.99
CA THR A 439 -7.68 3.05 -9.89
C THR A 439 -8.00 3.77 -8.60
N GLU A 440 -8.63 3.02 -7.70
CA GLU A 440 -9.00 3.51 -6.39
C GLU A 440 -7.80 3.18 -5.51
N LEU A 441 -7.72 3.77 -4.32
CA LEU A 441 -6.59 3.51 -3.43
C LEU A 441 -6.59 2.06 -2.91
N LYS A 442 -7.76 1.48 -2.79
CA LYS A 442 -7.91 0.09 -2.35
C LYS A 442 -9.34 -0.42 -2.42
N HIS A 443 -9.45 -1.71 -2.74
CA HIS A 443 -10.73 -2.40 -2.85
C HIS A 443 -11.03 -3.03 -1.48
N GLY A 444 -12.25 -2.79 -1.00
CA GLY A 444 -12.64 -3.33 0.29
C GLY A 444 -11.63 -3.01 1.38
N ASP A 445 -10.67 -3.92 1.55
CA ASP A 445 -9.61 -3.77 2.56
C ASP A 445 -8.24 -3.92 1.90
N GLN A 446 -8.20 -4.60 0.74
CA GLN A 446 -6.95 -4.82 0.00
C GLN A 446 -6.52 -3.61 -0.85
N GLU A 447 -5.25 -3.21 -0.72
CA GLU A 447 -4.73 -2.06 -1.47
C GLU A 447 -4.46 -2.37 -2.96
N ILE A 448 -5.08 -1.57 -3.83
CA ILE A 448 -4.90 -1.72 -5.27
C ILE A 448 -3.75 -0.80 -5.68
N CYS A 449 -3.50 0.19 -4.84
CA CYS A 449 -2.42 1.12 -5.06
C CYS A 449 -2.04 1.62 -3.69
N ALA A 450 -0.93 2.33 -3.60
CA ALA A 450 -0.48 2.89 -2.34
C ALA A 450 -1.17 4.26 -2.15
N GLN A 451 -0.38 5.29 -1.86
CA GLN A 451 -0.94 6.63 -1.69
C GLN A 451 0.18 7.65 -1.73
N TYR A 452 0.85 7.76 -2.87
CA TYR A 452 1.96 8.69 -3.06
C TYR A 452 1.70 10.15 -2.63
N TRP A 453 0.55 10.43 -2.03
CA TRP A 453 0.26 11.78 -1.61
C TRP A 453 -0.38 11.84 -0.24
N GLY A 454 -0.17 12.96 0.46
CA GLY A 454 -0.74 13.17 1.77
C GLY A 454 -1.23 14.61 1.90
N GLU A 455 -1.81 15.00 3.03
CA GLU A 455 -2.28 16.37 3.19
C GLU A 455 -1.13 17.32 3.50
N GLY A 456 -0.09 16.77 4.11
CA GLY A 456 1.07 17.58 4.48
C GLY A 456 1.99 18.04 3.38
N LYS A 457 3.27 17.97 3.68
CA LYS A 457 4.34 18.36 2.76
C LYS A 457 5.25 17.15 2.61
N GLN A 458 4.63 15.98 2.37
CA GLN A 458 5.39 14.75 2.20
C GLN A 458 6.65 15.02 1.40
N THR A 459 7.74 14.42 1.85
CA THR A 459 9.03 14.60 1.21
C THR A 459 9.68 13.22 1.04
N TYR A 460 9.98 12.87 -0.21
CA TYR A 460 10.58 11.59 -0.54
C TYR A 460 11.98 11.80 -1.11
N GLY A 461 12.99 11.46 -0.33
CA GLY A 461 14.35 11.64 -0.79
C GLY A 461 14.65 13.10 -1.08
N ASP A 462 15.33 13.36 -2.18
CA ASP A 462 15.70 14.73 -2.58
C ASP A 462 14.48 15.62 -2.94
N ILE A 463 13.38 14.99 -3.37
CA ILE A 463 12.18 15.75 -3.76
C ILE A 463 11.15 15.94 -2.63
N GLU A 464 10.37 17.01 -2.75
CA GLU A 464 9.34 17.39 -1.76
C GLU A 464 8.02 17.74 -2.46
N VAL A 465 6.97 17.00 -2.14
CA VAL A 465 5.65 17.26 -2.73
C VAL A 465 4.86 18.11 -1.74
N ASP A 466 3.75 18.69 -2.20
CA ASP A 466 2.91 19.53 -1.35
C ASP A 466 1.68 19.79 -2.19
N LEU A 467 0.59 19.08 -1.92
CA LEU A 467 -0.59 19.29 -2.73
C LEU A 467 -1.21 20.61 -2.32
N LYS A 468 -1.74 21.32 -3.30
CA LYS A 468 -2.33 22.63 -3.09
C LYS A 468 -3.84 22.65 -3.29
N ASP A 469 -4.34 21.68 -4.03
CA ASP A 469 -5.77 21.62 -4.29
C ASP A 469 -6.25 20.18 -4.50
N THR A 470 -7.53 19.95 -4.20
CA THR A 470 -8.13 18.64 -4.36
C THR A 470 -9.56 18.92 -4.80
N ASP A 471 -9.84 18.71 -6.07
CA ASP A 471 -11.17 18.96 -6.62
C ASP A 471 -11.93 17.70 -7.03
N LYS A 472 -13.01 17.40 -6.31
CA LYS A 472 -13.81 16.23 -6.60
C LYS A 472 -14.99 16.52 -7.48
N SER A 473 -15.12 15.68 -8.49
CA SER A 473 -16.16 15.75 -9.49
C SER A 473 -16.87 14.40 -9.52
N SER A 474 -18.12 14.42 -9.98
CA SER A 474 -18.94 13.22 -10.09
C SER A 474 -18.26 12.09 -10.85
N THR A 475 -17.20 12.41 -11.59
CA THR A 475 -16.49 11.42 -12.38
C THR A 475 -15.04 11.17 -11.99
N TYR A 476 -14.24 12.25 -11.91
CA TYR A 476 -12.84 12.10 -11.53
C TYR A 476 -12.56 13.05 -10.37
N THR A 477 -11.29 13.21 -10.04
CA THR A 477 -10.88 14.12 -8.97
C THR A 477 -9.51 14.65 -9.31
N LEU A 478 -9.40 15.97 -9.45
CA LEU A 478 -8.12 16.61 -9.77
C LEU A 478 -7.36 17.00 -8.53
N ARG A 479 -6.06 16.72 -8.51
CA ARG A 479 -5.20 17.08 -7.40
C ARG A 479 -4.03 17.82 -7.97
N VAL A 480 -3.78 19.02 -7.45
CA VAL A 480 -2.68 19.84 -7.91
C VAL A 480 -1.57 19.82 -6.88
N PHE A 481 -0.42 19.30 -7.27
CA PHE A 481 0.72 19.26 -6.37
C PHE A 481 1.67 20.35 -6.79
N GLU A 482 2.62 20.66 -5.91
CA GLU A 482 3.66 21.64 -6.21
C GLU A 482 4.93 20.88 -5.80
N LEU A 483 5.82 20.61 -6.76
CA LEU A 483 7.01 19.86 -6.43
C LEU A 483 8.28 20.64 -6.32
N ARG A 484 9.19 20.14 -5.50
CA ARG A 484 10.48 20.79 -5.30
C ARG A 484 11.56 19.89 -4.70
N HIS A 485 12.73 20.50 -4.56
CA HIS A 485 13.94 19.89 -4.01
C HIS A 485 14.58 20.95 -3.09
N SER A 486 15.80 20.70 -2.60
CA SER A 486 16.46 21.69 -1.76
C SER A 486 16.86 22.85 -2.67
N LYS A 487 16.70 22.58 -3.98
CA LYS A 487 16.98 23.51 -5.09
C LYS A 487 15.84 24.55 -5.20
N ARG A 488 15.29 24.91 -4.04
CA ARG A 488 14.19 25.87 -3.87
C ARG A 488 14.05 27.10 -4.81
N LYS A 489 13.09 27.95 -4.45
CA LYS A 489 12.76 29.20 -5.18
C LYS A 489 12.47 29.00 -6.67
N ASP A 490 11.96 27.81 -6.96
CA ASP A 490 11.55 27.35 -8.28
C ASP A 490 10.41 26.45 -7.81
N SER A 491 9.87 25.64 -8.70
CA SER A 491 8.81 24.70 -8.35
C SER A 491 8.02 24.38 -9.60
N ARG A 492 7.61 23.14 -9.70
CA ARG A 492 6.86 22.67 -10.83
C ARG A 492 5.53 22.21 -10.29
N THR A 493 4.46 22.70 -10.91
CA THR A 493 3.12 22.34 -10.54
C THR A 493 2.69 21.11 -11.36
N VAL A 494 2.24 20.06 -10.68
CA VAL A 494 1.86 18.80 -11.33
C VAL A 494 0.43 18.38 -11.13
N TYR A 495 -0.33 18.27 -12.21
CA TYR A 495 -1.74 17.87 -12.10
C TYR A 495 -1.91 16.38 -12.08
N GLN A 496 -2.90 15.92 -11.32
CA GLN A 496 -3.20 14.48 -11.25
C GLN A 496 -4.68 14.31 -11.38
N TYR A 497 -5.08 13.55 -12.39
CA TYR A 497 -6.48 13.30 -12.60
C TYR A 497 -6.74 11.86 -12.22
N GLN A 498 -7.57 11.63 -11.20
CA GLN A 498 -7.89 10.27 -10.79
C GLN A 498 -9.28 9.89 -11.28
N TYR A 499 -9.36 8.84 -12.08
CA TYR A 499 -10.63 8.41 -12.61
C TYR A 499 -11.24 7.31 -11.78
N THR A 500 -12.53 7.45 -11.49
CA THR A 500 -13.19 6.45 -10.67
C THR A 500 -13.95 5.38 -11.46
N ASN A 501 -15.22 5.65 -11.75
CA ASN A 501 -16.11 4.75 -12.49
C ASN A 501 -15.45 3.71 -13.37
N TRP A 502 -14.68 2.81 -12.77
CA TRP A 502 -13.99 1.81 -13.56
C TRP A 502 -13.13 0.88 -12.71
N SER A 503 -13.75 -0.23 -12.28
CA SER A 503 -13.05 -1.24 -11.50
C SER A 503 -12.26 -2.13 -12.47
N VAL A 504 -11.15 -2.68 -11.99
CA VAL A 504 -10.30 -3.53 -12.81
C VAL A 504 -11.08 -4.59 -13.60
N GLU A 505 -12.39 -4.68 -13.35
CA GLU A 505 -13.27 -5.65 -13.99
C GLU A 505 -14.13 -5.02 -15.10
N GLN A 506 -15.39 -4.70 -14.78
CA GLN A 506 -16.30 -4.10 -15.76
C GLN A 506 -15.55 -3.09 -16.63
N LEU A 507 -15.85 -3.05 -17.93
CA LEU A 507 -15.17 -2.06 -18.77
C LEU A 507 -15.68 -0.70 -18.32
N PRO A 508 -14.93 0.37 -18.61
CA PRO A 508 -15.38 1.71 -18.21
C PRO A 508 -16.90 1.80 -18.29
N ALA A 509 -17.50 2.00 -17.12
CA ALA A 509 -18.94 2.12 -16.98
C ALA A 509 -19.60 2.87 -18.14
N GLU A 510 -19.58 4.20 -18.08
CA GLU A 510 -20.17 5.07 -19.11
C GLU A 510 -19.13 5.92 -19.86
N PRO A 511 -18.56 5.36 -20.96
CA PRO A 511 -17.54 5.93 -21.84
C PRO A 511 -17.62 7.41 -22.21
N LYS A 512 -18.82 7.88 -22.57
CA LYS A 512 -19.03 9.27 -22.94
C LYS A 512 -18.23 10.26 -22.06
N GLU A 513 -18.00 9.88 -20.79
CA GLU A 513 -17.29 10.72 -19.83
C GLU A 513 -15.83 10.32 -19.73
N LEU A 514 -15.54 9.05 -19.97
CA LEU A 514 -14.15 8.61 -19.95
C LEU A 514 -13.52 9.55 -20.97
N ILE A 515 -14.27 9.80 -22.04
CA ILE A 515 -13.86 10.69 -23.13
C ILE A 515 -13.58 12.11 -22.66
N SER A 516 -14.55 12.69 -21.95
CA SER A 516 -14.42 14.06 -21.44
C SER A 516 -13.10 14.20 -20.67
N ILE A 518 -10.32 12.46 -21.09
CA ILE A 518 -9.26 12.48 -22.08
C ILE A 518 -9.12 13.85 -22.73
N GLN A 519 -10.21 14.60 -22.80
CA GLN A 519 -10.16 15.93 -23.40
C GLN A 519 -9.56 16.93 -22.42
N VAL A 520 -10.16 17.00 -21.24
CA VAL A 520 -9.68 17.92 -20.22
C VAL A 520 -8.23 17.63 -19.89
N VAL A 521 -7.87 16.36 -19.84
CA VAL A 521 -6.49 16.01 -19.54
C VAL A 521 -5.62 16.60 -20.63
N LYS A 522 -5.95 16.24 -21.88
CA LYS A 522 -5.20 16.68 -23.04
C LYS A 522 -4.96 18.19 -23.09
N GLN A 523 -5.95 18.96 -22.68
CA GLN A 523 -5.82 20.42 -22.70
C GLN A 523 -4.88 20.98 -21.65
N LYS A 524 -4.47 20.16 -20.69
CA LYS A 524 -3.59 20.67 -19.65
C LYS A 524 -2.14 20.40 -20.00
N LEU A 525 -1.90 19.41 -20.86
CA LEU A 525 -0.55 19.07 -21.29
C LEU A 525 -0.32 20.09 -22.38
N PRO A 526 0.94 20.44 -22.68
CA PRO A 526 1.07 21.42 -23.77
C PRO A 526 0.66 20.75 -25.09
N GLN A 527 1.43 21.00 -26.14
CA GLN A 527 1.21 20.41 -27.46
C GLN A 527 2.06 21.19 -28.47
N LYS A 528 3.32 21.35 -28.09
CA LYS A 528 4.33 22.05 -28.88
C LYS A 528 5.18 21.02 -29.65
N ASN A 529 5.25 19.81 -29.09
CA ASN A 529 6.01 18.70 -29.67
C ASN A 529 7.49 18.79 -29.25
N HIS A 537 16.54 14.71 -24.08
CA HIS A 537 15.31 15.35 -23.62
C HIS A 537 14.17 14.31 -23.54
N LYS A 538 14.45 13.15 -22.93
CA LYS A 538 13.43 12.10 -22.80
C LYS A 538 12.44 12.52 -21.67
N SER A 539 11.85 13.71 -21.86
CA SER A 539 10.91 14.35 -20.91
C SER A 539 9.40 14.15 -21.22
N THR A 540 8.92 12.95 -20.96
CA THR A 540 7.52 12.59 -21.20
C THR A 540 6.53 13.36 -20.30
N PRO A 541 5.62 14.14 -20.90
CA PRO A 541 4.65 14.93 -20.16
C PRO A 541 3.54 14.17 -19.46
N LEU A 542 3.11 13.06 -20.03
CA LEU A 542 2.02 12.29 -19.45
C LEU A 542 2.48 11.02 -18.78
N LEU A 543 1.72 10.56 -17.81
CA LEU A 543 2.05 9.34 -17.09
C LEU A 543 0.74 8.73 -16.69
N ILE A 544 0.52 7.47 -17.06
CA ILE A 544 -0.72 6.77 -16.75
C ILE A 544 -0.48 5.53 -15.91
N HIS A 545 -1.36 5.24 -14.96
CA HIS A 545 -1.16 4.05 -14.16
C HIS A 545 -2.40 3.40 -13.55
N CYS A 546 -2.33 2.09 -13.39
CA CYS A 546 -3.37 1.29 -12.77
C CYS A 546 -2.54 0.25 -12.04
N ARG A 547 -3.15 -0.78 -11.47
CA ARG A 547 -2.37 -1.79 -10.75
C ARG A 547 -1.02 -2.15 -11.37
N ASP A 548 -1.09 -2.80 -12.53
CA ASP A 548 0.09 -3.26 -13.25
C ASP A 548 0.48 -2.35 -14.38
N GLY A 549 -0.33 -1.32 -14.61
CA GLY A 549 -0.01 -0.39 -15.69
C GLY A 549 -0.18 -0.97 -17.09
N SER A 550 -1.10 -1.90 -17.22
CA SER A 550 -1.37 -2.54 -18.49
C SER A 550 -2.83 -2.93 -18.49
N GLN A 551 -3.26 -3.51 -17.38
CA GLN A 551 -4.64 -3.95 -17.18
C GLN A 551 -5.64 -3.02 -17.87
N GLN A 552 -5.76 -1.80 -17.35
CA GLN A 552 -6.68 -0.81 -17.90
C GLN A 552 -5.91 0.38 -18.45
N THR A 553 -4.60 0.40 -18.23
CA THR A 553 -3.75 1.48 -18.74
C THR A 553 -3.55 1.34 -20.23
N GLY A 554 -3.75 0.13 -20.75
CA GLY A 554 -3.61 -0.12 -22.18
C GLY A 554 -4.79 0.50 -22.90
N ILE A 555 -5.98 0.27 -22.37
CA ILE A 555 -7.18 0.83 -22.96
C ILE A 555 -6.97 2.33 -23.12
N PHE A 556 -6.49 2.97 -22.07
CA PHE A 556 -6.28 4.42 -22.11
C PHE A 556 -5.33 4.84 -23.20
N CYS A 557 -4.11 4.34 -23.14
CA CYS A 557 -3.10 4.68 -24.13
C CYS A 557 -3.66 4.49 -25.52
N ALA A 558 -4.43 3.41 -25.70
CA ALA A 558 -5.02 3.16 -26.99
C ALA A 558 -5.87 4.37 -27.34
N LEU A 559 -7.00 4.51 -26.66
CA LEU A 559 -7.91 5.60 -26.90
C LEU A 559 -7.20 6.88 -27.23
N LEU A 560 -6.14 7.18 -26.50
CA LEU A 560 -5.41 8.41 -26.75
C LEU A 560 -4.97 8.53 -28.19
N ASN A 561 -4.23 7.53 -28.67
CA ASN A 561 -3.74 7.57 -30.04
C ASN A 561 -4.81 7.46 -31.09
N LEU A 562 -5.82 6.63 -30.84
CA LEU A 562 -6.89 6.46 -31.80
C LEU A 562 -7.64 7.77 -31.94
N LEU A 563 -7.62 8.58 -30.88
CA LEU A 563 -8.30 9.87 -30.90
C LEU A 563 -7.46 10.90 -31.62
N GLU A 564 -6.17 10.94 -31.32
CA GLU A 564 -5.29 11.90 -31.96
C GLU A 564 -5.14 11.65 -33.45
N SER A 565 -5.55 10.48 -33.89
CA SER A 565 -5.47 10.12 -35.31
C SER A 565 -6.84 10.34 -35.94
N ALA A 566 -7.89 10.16 -35.16
CA ALA A 566 -9.24 10.38 -35.64
C ALA A 566 -9.40 11.85 -35.93
N GLU A 567 -8.52 12.65 -35.34
CA GLU A 567 -8.55 14.09 -35.52
C GLU A 567 -7.70 14.55 -36.67
N THR A 568 -6.46 14.08 -36.73
CA THR A 568 -5.54 14.48 -37.77
C THR A 568 -5.65 13.83 -39.16
N GLU A 569 -6.40 12.73 -39.29
CA GLU A 569 -6.56 12.06 -40.58
C GLU A 569 -7.94 11.45 -40.77
N GLU A 570 -8.84 11.69 -39.83
CA GLU A 570 -10.17 11.16 -39.92
C GLU A 570 -10.15 9.66 -40.20
N VAL A 571 -9.02 9.02 -39.92
CA VAL A 571 -8.85 7.59 -40.15
C VAL A 571 -8.50 6.93 -38.82
N VAL A 572 -8.71 5.61 -38.72
CA VAL A 572 -8.41 4.87 -37.48
C VAL A 572 -8.06 3.40 -37.72
N ASP A 573 -6.89 2.99 -37.20
CA ASP A 573 -6.41 1.60 -37.30
C ASP A 573 -6.26 1.05 -35.89
N ILE A 574 -7.33 0.51 -35.33
CA ILE A 574 -7.31 -0.02 -33.98
C ILE A 574 -6.41 -1.21 -33.80
N PHE A 575 -6.39 -2.09 -34.81
CA PHE A 575 -5.56 -3.30 -34.77
C PHE A 575 -4.09 -2.95 -34.59
N GLN A 576 -3.52 -2.24 -35.55
CA GLN A 576 -2.12 -1.84 -35.52
C GLN A 576 -1.72 -1.08 -34.25
N VAL A 577 -2.62 -0.25 -33.75
CA VAL A 577 -2.40 0.52 -32.52
C VAL A 577 -2.17 -0.41 -31.34
N VAL A 578 -3.00 -1.43 -31.26
CA VAL A 578 -2.90 -2.42 -30.20
C VAL A 578 -1.69 -3.31 -30.45
N LYS A 579 -1.32 -3.48 -31.71
CA LYS A 579 -0.18 -4.30 -32.05
C LYS A 579 1.12 -3.70 -31.58
N ALA A 580 1.15 -2.37 -31.47
CA ALA A 580 2.38 -1.70 -31.02
C ALA A 580 2.43 -1.67 -29.51
N LEU A 581 1.26 -1.70 -28.89
CA LEU A 581 1.14 -1.70 -27.45
C LEU A 581 1.52 -3.07 -26.97
N ARG A 582 0.85 -4.08 -27.52
CA ARG A 582 1.10 -5.45 -27.13
C ARG A 582 2.60 -5.64 -27.22
N LYS A 583 3.22 -4.91 -28.15
CA LYS A 583 4.66 -4.99 -28.39
C LYS A 583 5.52 -4.20 -27.41
N ALA A 584 4.95 -3.20 -26.75
CA ALA A 584 5.70 -2.35 -25.81
C ALA A 584 5.85 -2.88 -24.39
N ARG A 585 4.78 -3.44 -23.83
CA ARG A 585 4.84 -3.97 -22.46
C ARG A 585 3.82 -5.09 -22.41
N LEU A 586 4.02 -6.07 -21.55
CA LEU A 586 3.07 -7.16 -21.53
C LEU A 586 1.85 -6.92 -20.69
N GLY A 587 0.71 -7.41 -21.18
CA GLY A 587 -0.54 -7.28 -20.44
C GLY A 587 -1.64 -6.42 -21.02
N VAL A 589 -4.54 -4.83 -23.37
CA VAL A 589 -5.65 -5.25 -24.23
C VAL A 589 -5.57 -6.73 -24.58
N SER A 590 -5.19 -7.53 -23.60
CA SER A 590 -5.04 -8.97 -23.79
C SER A 590 -6.34 -9.75 -23.79
N THR A 591 -7.45 -9.05 -24.04
CA THR A 591 -8.75 -9.72 -24.04
C THR A 591 -9.64 -9.16 -25.13
N PHE A 592 -10.47 -9.99 -25.75
CA PHE A 592 -11.34 -9.50 -26.80
C PHE A 592 -12.30 -8.41 -26.32
N GLU A 593 -12.75 -8.51 -25.08
CA GLU A 593 -13.68 -7.52 -24.54
C GLU A 593 -13.10 -6.13 -24.67
N GLN A 594 -11.85 -5.98 -24.25
CA GLN A 594 -11.16 -4.71 -24.33
C GLN A 594 -10.96 -4.29 -25.78
N TYR A 595 -10.36 -5.16 -26.58
CA TYR A 595 -10.12 -4.89 -28.00
C TYR A 595 -11.38 -4.30 -28.61
N GLN A 596 -12.47 -5.04 -28.50
CA GLN A 596 -13.72 -4.61 -29.06
C GLN A 596 -14.18 -3.29 -28.46
N PHE A 597 -13.88 -3.08 -27.20
CA PHE A 597 -14.27 -1.84 -26.52
C PHE A 597 -13.82 -0.61 -27.30
N LEU A 598 -12.54 -0.61 -27.67
CA LEU A 598 -11.96 0.48 -28.41
C LEU A 598 -12.90 0.83 -29.55
N TYR A 599 -13.21 -0.16 -30.38
CA TYR A 599 -14.11 0.03 -31.53
C TYR A 599 -15.38 0.76 -31.12
N ASP A 600 -16.06 0.22 -30.11
CA ASP A 600 -17.28 0.81 -29.61
C ASP A 600 -17.11 2.30 -29.32
N VAL A 601 -16.33 2.64 -28.30
CA VAL A 601 -16.12 4.05 -27.91
C VAL A 601 -15.67 4.97 -29.06
N ILE A 602 -14.72 4.53 -29.86
CA ILE A 602 -14.25 5.35 -30.97
C ILE A 602 -15.44 5.65 -31.87
N ALA A 603 -16.38 4.73 -31.94
CA ALA A 603 -17.53 4.91 -32.79
C ALA A 603 -18.64 5.79 -32.23
N SER A 604 -19.06 5.51 -31.01
CA SER A 604 -20.13 6.32 -30.43
C SER A 604 -19.73 7.78 -30.35
N THR A 605 -18.44 8.06 -30.26
CA THR A 605 -18.01 9.46 -30.22
C THR A 605 -17.70 10.07 -31.59
N TYR A 606 -18.40 9.60 -32.63
CA TYR A 606 -18.24 10.07 -34.03
C TYR A 606 -19.36 9.51 -34.95
N PRO A 607 -20.55 10.14 -34.95
CA PRO A 607 -21.72 9.77 -35.76
C PRO A 607 -21.55 9.80 -37.29
N LYS B 2 -32.02 -4.90 12.47
CA LYS B 2 -32.99 -3.76 12.43
C LYS B 2 -32.24 -2.43 12.37
N GLN B 3 -32.42 -1.55 13.34
CA GLN B 3 -31.65 -0.30 13.29
C GLN B 3 -30.49 -0.29 14.28
N LEU B 4 -29.31 -0.55 13.73
CA LEU B 4 -28.07 -0.57 14.49
C LEU B 4 -27.27 0.52 13.80
N ASN B 6 -24.60 3.47 12.50
CA ASN B 6 -23.39 3.36 11.68
C ASN B 6 -22.36 4.23 12.38
N VAL B 7 -21.47 3.59 13.14
CA VAL B 7 -20.44 4.32 13.84
C VAL B 7 -19.22 4.39 12.95
N GLU B 8 -18.41 5.42 13.11
CA GLU B 8 -17.24 5.58 12.27
C GLU B 8 -16.04 4.88 12.90
N PRO B 9 -15.51 3.85 12.24
CA PRO B 9 -14.35 3.15 12.81
C PRO B 9 -13.33 4.21 13.23
N ILE B 10 -12.86 4.16 14.47
CA ILE B 10 -11.90 5.16 14.95
C ILE B 10 -10.46 4.94 14.46
N HIS B 11 -9.88 6.00 13.90
CA HIS B 11 -8.51 5.96 13.43
C HIS B 11 -7.62 6.11 14.66
N ALA B 12 -6.42 5.53 14.60
CA ALA B 12 -5.45 5.56 15.70
C ALA B 12 -5.42 6.85 16.50
N ASP B 13 -4.87 7.88 15.87
CA ASP B 13 -4.73 9.20 16.50
C ASP B 13 -5.96 9.65 17.30
N ILE B 14 -6.94 10.21 16.59
CA ILE B 14 -8.16 10.75 17.21
C ILE B 14 -8.83 9.86 18.27
N LEU B 15 -8.33 8.64 18.44
CA LEU B 15 -8.89 7.68 19.42
C LEU B 15 -8.98 8.31 20.79
N LEU B 16 -7.83 8.78 21.25
CA LEU B 16 -7.72 9.44 22.54
C LEU B 16 -8.82 10.49 22.67
N GLU B 17 -8.96 11.31 21.63
CA GLU B 17 -9.94 12.39 21.66
C GLU B 17 -11.37 11.90 21.44
N THR B 18 -11.58 11.09 20.40
CA THR B 18 -12.93 10.59 20.15
C THR B 18 -13.44 10.09 21.50
N TYR B 19 -12.60 9.29 22.16
CA TYR B 19 -12.93 8.73 23.47
C TYR B 19 -13.41 9.84 24.39
N LYS B 20 -12.63 10.92 24.46
CA LYS B 20 -12.95 12.06 25.30
C LYS B 20 -14.37 12.57 25.07
N ARG B 21 -14.74 12.86 23.82
CA ARG B 21 -16.07 13.37 23.56
C ARG B 21 -17.12 12.29 23.79
N LYS B 22 -16.80 11.08 23.35
CA LYS B 22 -17.71 9.96 23.54
C LYS B 22 -18.13 9.79 25.01
N ILE B 23 -17.26 10.25 25.92
CA ILE B 23 -17.52 10.14 27.37
C ILE B 23 -18.02 11.41 28.09
N ALA B 24 -18.09 12.55 27.39
CA ALA B 24 -18.58 13.77 28.03
C ALA B 24 -20.00 13.50 28.54
N ASP B 25 -20.37 14.13 29.66
CA ASP B 25 -21.70 13.98 30.31
C ASP B 25 -22.10 12.54 30.63
N GLU B 26 -21.16 11.80 31.24
CA GLU B 26 -21.32 10.39 31.60
C GLU B 26 -21.62 9.59 30.30
N GLY B 27 -20.71 9.76 29.33
CA GLY B 27 -20.73 9.12 28.03
C GLY B 27 -22.03 8.65 27.36
N ARG B 28 -22.98 9.56 27.11
CA ARG B 28 -24.23 9.21 26.43
C ARG B 28 -23.97 8.76 24.96
N PRO B 29 -22.90 9.30 24.33
CA PRO B 29 -22.58 8.92 22.95
C PRO B 29 -22.19 7.43 22.91
N PHE B 30 -21.81 6.93 24.09
CA PHE B 30 -21.43 5.54 24.30
C PHE B 30 -22.67 4.75 24.69
N LEU B 31 -23.41 5.26 25.68
CA LEU B 31 -24.62 4.61 26.17
C LEU B 31 -25.56 4.38 24.99
N ALA B 32 -25.32 5.12 23.90
CA ALA B 32 -26.11 5.02 22.68
C ALA B 32 -25.61 3.86 21.81
N GLU B 33 -24.32 3.91 21.52
CA GLU B 33 -23.63 2.90 20.73
C GLU B 33 -23.98 1.50 21.32
N PHE B 34 -23.84 1.36 22.65
CA PHE B 34 -24.11 0.10 23.37
C PHE B 34 -25.61 -0.19 23.56
N GLN B 35 -26.43 0.84 23.49
CA GLN B 35 -27.86 0.63 23.68
C GLN B 35 -28.52 0.03 22.44
N SER B 36 -27.99 0.37 21.28
CA SER B 36 -28.54 -0.09 20.02
C SER B 36 -28.19 -1.52 19.57
N ILE B 37 -27.18 -2.12 20.18
CA ILE B 37 -26.79 -3.50 19.82
C ILE B 37 -27.74 -4.45 20.58
N PRO B 38 -28.60 -5.16 19.84
CA PRO B 38 -29.58 -6.08 20.43
C PRO B 38 -29.07 -7.15 21.38
N ARG B 39 -29.92 -7.49 22.34
CA ARG B 39 -29.65 -8.53 23.34
C ARG B 39 -29.25 -9.80 22.58
N VAL B 40 -30.26 -10.44 21.99
CA VAL B 40 -30.12 -11.67 21.20
C VAL B 40 -30.33 -11.30 19.74
N PHE B 41 -30.41 -12.30 18.87
CA PHE B 41 -30.69 -12.09 17.44
C PHE B 41 -31.82 -13.00 17.02
N SER B 42 -32.98 -12.39 16.87
CA SER B 42 -34.23 -13.04 16.49
C SER B 42 -34.14 -14.27 15.61
N LYS B 43 -33.56 -14.11 14.41
CA LYS B 43 -33.44 -15.20 13.43
C LYS B 43 -32.68 -16.45 13.88
N PHE B 44 -31.39 -16.33 14.12
CA PHE B 44 -30.58 -17.47 14.53
C PHE B 44 -31.25 -18.41 15.52
N PRO B 45 -31.79 -19.51 15.01
CA PRO B 45 -32.48 -20.56 15.77
C PRO B 45 -31.73 -21.06 17.01
N ILE B 46 -32.48 -21.26 18.08
CA ILE B 46 -31.95 -21.74 19.34
C ILE B 46 -32.85 -22.88 19.78
N LYS B 47 -32.83 -23.97 19.02
CA LYS B 47 -33.68 -25.11 19.31
C LYS B 47 -33.07 -26.26 20.13
N GLU B 48 -31.74 -26.36 20.15
CA GLU B 48 -31.11 -27.45 20.89
C GLU B 48 -30.83 -27.18 22.35
N ALA B 49 -30.70 -25.91 22.71
CA ALA B 49 -30.46 -25.62 24.10
C ALA B 49 -31.76 -25.87 24.87
N ARG B 50 -32.85 -25.39 24.30
CA ARG B 50 -34.17 -25.48 24.90
C ARG B 50 -34.73 -26.89 25.13
N LYS B 51 -34.22 -27.89 24.43
CA LYS B 51 -34.76 -29.24 24.63
C LYS B 51 -34.72 -29.66 26.09
N PRO B 52 -35.66 -30.52 26.47
CA PRO B 52 -35.86 -31.07 27.81
C PRO B 52 -34.69 -31.85 28.41
N PHE B 53 -34.09 -32.74 27.63
CA PHE B 53 -32.96 -33.51 28.15
C PHE B 53 -31.72 -32.62 28.26
N ASN B 54 -31.91 -31.33 28.09
CA ASN B 54 -30.80 -30.42 28.17
C ASN B 54 -31.06 -29.20 29.02
N GLN B 55 -32.20 -29.18 29.70
CA GLN B 55 -32.51 -28.04 30.57
C GLN B 55 -31.45 -27.90 31.68
N ASN B 56 -31.30 -28.94 32.49
CA ASN B 56 -30.33 -28.92 33.58
C ASN B 56 -28.91 -28.61 33.16
N LYS B 57 -28.62 -28.63 31.86
CA LYS B 57 -27.26 -28.40 31.39
C LYS B 57 -26.86 -26.93 31.24
N ASN B 58 -27.81 -26.03 31.49
CA ASN B 58 -27.54 -24.60 31.37
C ASN B 58 -27.45 -23.96 32.74
N ARG B 59 -26.69 -22.87 32.85
CA ARG B 59 -26.55 -22.19 34.13
C ARG B 59 -27.61 -21.10 34.30
N TYR B 60 -27.99 -20.48 33.18
CA TYR B 60 -28.98 -19.43 33.19
C TYR B 60 -29.85 -19.61 31.99
N VAL B 61 -31.15 -19.74 32.21
CA VAL B 61 -32.11 -19.92 31.13
C VAL B 61 -32.16 -18.64 30.26
N ASP B 62 -31.44 -17.63 30.74
CA ASP B 62 -31.34 -16.36 30.06
C ASP B 62 -30.29 -16.46 28.92
N ILE B 63 -29.25 -17.26 29.14
CA ILE B 63 -28.16 -17.39 28.17
C ILE B 63 -28.11 -18.76 27.47
N LEU B 64 -28.59 -18.85 26.23
CA LEU B 64 -28.56 -20.12 25.49
C LEU B 64 -27.91 -19.92 24.12
N PRO B 65 -26.99 -20.82 23.73
CA PRO B 65 -26.29 -20.74 22.44
C PRO B 65 -27.08 -20.91 21.12
N TYR B 66 -26.75 -20.08 20.13
CA TYR B 66 -27.39 -20.16 18.81
C TYR B 66 -27.09 -21.58 18.29
N ASP B 67 -27.95 -22.12 17.45
CA ASP B 67 -27.72 -23.48 16.94
C ASP B 67 -26.63 -23.72 15.90
N TYR B 68 -26.30 -22.69 15.10
CA TYR B 68 -25.31 -22.88 14.06
C TYR B 68 -23.87 -22.91 14.48
N ASN B 69 -23.54 -22.26 15.60
CA ASN B 69 -22.15 -22.25 16.05
C ASN B 69 -21.93 -22.95 17.38
N ARG B 70 -22.99 -23.56 17.89
CA ARG B 70 -22.91 -24.30 19.14
C ARG B 70 -21.77 -25.30 19.11
N VAL B 71 -21.01 -25.41 20.18
CA VAL B 71 -19.95 -26.40 20.20
C VAL B 71 -20.63 -27.74 20.44
N GLU B 72 -20.19 -28.77 19.72
CA GLU B 72 -20.78 -30.10 19.88
C GLU B 72 -19.84 -31.12 20.50
N LEU B 73 -20.43 -32.09 21.18
CA LEU B 73 -19.67 -33.14 21.81
C LEU B 73 -19.93 -34.46 21.08
N SER B 74 -18.91 -35.31 21.04
CA SER B 74 -19.00 -36.59 20.38
C SER B 74 -20.26 -37.34 20.86
N GLU B 75 -21.31 -37.28 20.05
CA GLU B 75 -22.58 -37.93 20.39
C GLU B 75 -22.42 -39.30 21.00
N ILE B 76 -22.62 -39.40 22.31
CA ILE B 76 -22.53 -40.71 22.97
C ILE B 76 -23.76 -41.46 22.49
N ASN B 77 -23.59 -42.69 22.03
CA ASN B 77 -24.72 -43.46 21.53
C ASN B 77 -25.67 -43.81 22.63
N GLY B 78 -26.96 -43.89 22.29
CA GLY B 78 -27.97 -44.22 23.27
C GLY B 78 -28.40 -42.98 24.04
N ASP B 79 -27.56 -42.55 24.98
CA ASP B 79 -27.82 -41.37 25.77
C ASP B 79 -28.14 -40.16 24.88
N ALA B 80 -29.43 -39.94 24.62
CA ALA B 80 -29.88 -38.85 23.77
C ALA B 80 -29.54 -37.49 24.37
N GLY B 81 -29.11 -36.58 23.51
CA GLY B 81 -28.77 -35.23 23.95
C GLY B 81 -27.38 -35.09 24.53
N SER B 82 -26.51 -36.02 24.19
CA SER B 82 -25.15 -35.99 24.70
C SER B 82 -24.21 -35.22 23.79
N ASN B 83 -24.78 -34.54 22.80
CA ASN B 83 -23.97 -33.76 21.89
C ASN B 83 -23.97 -32.30 22.32
N TYR B 84 -24.86 -31.98 23.26
CA TYR B 84 -25.02 -30.62 23.79
C TYR B 84 -24.29 -30.23 25.06
N ILE B 85 -23.75 -29.01 24.99
CA ILE B 85 -23.01 -28.38 26.06
C ILE B 85 -23.20 -26.90 25.78
N ASN B 86 -23.18 -26.08 26.83
CA ASN B 86 -23.36 -24.65 26.67
C ASN B 86 -22.02 -23.96 26.37
N ALA B 87 -21.74 -23.78 25.08
CA ALA B 87 -20.51 -23.12 24.62
C ALA B 87 -20.80 -22.58 23.23
N SER B 88 -19.88 -21.82 22.65
CA SER B 88 -20.10 -21.28 21.32
C SER B 88 -18.82 -20.84 20.66
N TYR B 89 -18.73 -21.04 19.36
CA TYR B 89 -17.53 -20.64 18.64
C TYR B 89 -17.59 -19.15 18.41
N ILE B 90 -16.44 -18.47 18.56
CA ILE B 90 -16.38 -17.03 18.37
C ILE B 90 -15.24 -16.67 17.43
N ASP B 91 -15.47 -15.74 16.52
CA ASP B 91 -14.46 -15.35 15.56
C ASP B 91 -13.59 -14.15 15.96
N GLY B 92 -12.29 -14.25 15.71
CA GLY B 92 -11.41 -13.15 16.02
C GLY B 92 -11.45 -12.08 14.94
N PHE B 93 -10.34 -11.37 14.79
CA PHE B 93 -10.20 -10.29 13.81
C PHE B 93 -9.98 -10.95 12.45
N LYS B 94 -9.77 -12.25 12.48
CA LYS B 94 -9.55 -13.05 11.28
C LYS B 94 -9.83 -14.50 11.62
N GLU B 95 -8.83 -15.19 12.17
CA GLU B 95 -9.00 -16.58 12.54
C GLU B 95 -10.44 -16.96 12.85
N PRO B 96 -11.11 -17.65 11.93
CA PRO B 96 -12.49 -18.03 12.22
C PRO B 96 -12.41 -19.10 13.29
N ARG B 97 -13.35 -19.05 14.24
CA ARG B 97 -13.38 -20.00 15.36
C ARG B 97 -12.11 -19.95 16.21
N LYS B 98 -11.68 -18.75 16.55
CA LYS B 98 -10.48 -18.58 17.36
C LYS B 98 -10.75 -18.91 18.80
N TYR B 99 -11.94 -18.58 19.29
CA TYR B 99 -12.28 -18.85 20.68
C TYR B 99 -13.54 -19.67 20.84
N ILE B 100 -13.71 -20.17 22.06
CA ILE B 100 -14.90 -20.89 22.46
C ILE B 100 -15.33 -20.12 23.69
N ALA B 101 -16.44 -19.40 23.58
CA ALA B 101 -16.98 -18.64 24.69
C ALA B 101 -17.95 -19.58 25.40
N ALA B 102 -17.63 -19.96 26.63
CA ALA B 102 -18.49 -20.90 27.33
C ALA B 102 -18.93 -20.59 28.74
N GLN B 103 -20.11 -21.10 29.06
CA GLN B 103 -20.73 -20.99 30.37
C GLN B 103 -19.86 -21.73 31.37
N GLY B 104 -19.76 -21.22 32.60
CA GLY B 104 -18.97 -21.89 33.61
C GLY B 104 -19.62 -23.23 33.84
N PRO B 105 -18.85 -24.30 33.86
CA PRO B 105 -19.45 -25.61 34.08
C PRO B 105 -20.19 -25.72 35.38
N ARG B 106 -21.20 -26.58 35.40
CA ARG B 106 -22.00 -26.83 36.58
C ARG B 106 -21.44 -28.10 37.21
N ASP B 107 -21.73 -28.34 38.47
CA ASP B 107 -21.23 -29.53 39.10
C ASP B 107 -21.67 -30.73 38.28
N GLU B 108 -22.82 -30.59 37.63
CA GLU B 108 -23.43 -31.63 36.81
C GLU B 108 -22.92 -31.64 35.37
N THR B 109 -22.12 -30.64 35.05
CA THR B 109 -21.57 -30.46 33.71
C THR B 109 -20.05 -30.61 33.72
N VAL B 110 -19.45 -30.73 34.89
CA VAL B 110 -18.00 -30.82 34.98
C VAL B 110 -17.34 -31.84 34.05
N ASP B 111 -17.99 -32.98 33.82
CA ASP B 111 -17.40 -33.98 32.94
C ASP B 111 -17.48 -33.59 31.46
N ASP B 112 -18.63 -33.08 31.04
CA ASP B 112 -18.78 -32.66 29.65
C ASP B 112 -17.87 -31.47 29.34
N PHE B 113 -17.34 -30.81 30.36
CA PHE B 113 -16.47 -29.66 30.12
C PHE B 113 -15.07 -30.10 29.75
N TRP B 114 -14.56 -31.09 30.47
CA TRP B 114 -13.23 -31.58 30.18
C TRP B 114 -13.22 -32.42 28.92
N ARG B 115 -14.40 -32.82 28.45
CA ARG B 115 -14.53 -33.63 27.25
C ARG B 115 -14.36 -32.72 26.04
N ILE B 117 -12.57 -30.02 26.02
CA ILE B 117 -11.17 -29.60 25.98
C ILE B 117 -10.32 -30.68 25.30
N TRP B 118 -10.78 -31.93 25.39
CA TRP B 118 -10.07 -33.03 24.79
C TRP B 118 -10.45 -33.19 23.33
N GLU B 119 -11.75 -33.07 23.05
CA GLU B 119 -12.23 -33.21 21.68
C GLU B 119 -11.95 -32.00 20.80
N GLN B 120 -11.62 -30.86 21.40
CA GLN B 120 -11.33 -29.65 20.63
C GLN B 120 -9.85 -29.35 20.64
N LYS B 121 -9.11 -30.22 21.32
CA LYS B 121 -7.67 -30.10 21.45
C LYS B 121 -7.26 -28.69 21.82
N ALA B 122 -7.92 -28.14 22.83
CA ALA B 122 -7.59 -26.80 23.28
C ALA B 122 -6.58 -26.98 24.40
N THR B 123 -5.58 -26.11 24.43
CA THR B 123 -4.55 -26.19 25.45
C THR B 123 -4.29 -24.84 26.11
N VAL B 124 -5.33 -24.01 26.13
CA VAL B 124 -5.31 -22.68 26.73
C VAL B 124 -6.71 -22.31 27.17
N ILE B 125 -6.94 -22.42 28.48
CA ILE B 125 -8.22 -22.08 29.08
C ILE B 125 -8.03 -20.72 29.74
N VAL B 126 -8.97 -19.80 29.51
CA VAL B 126 -8.91 -18.49 30.12
C VAL B 126 -10.15 -18.25 30.96
N VAL B 128 -12.15 -16.13 33.61
CA VAL B 128 -12.26 -14.76 34.07
C VAL B 128 -13.47 -14.68 34.99
N THR B 129 -13.30 -15.25 36.17
CA THR B 129 -14.36 -15.28 37.18
C THR B 129 -13.89 -16.01 38.45
N ARG B 130 -14.81 -16.13 39.39
CA ARG B 130 -14.52 -16.82 40.62
C ARG B 130 -15.67 -17.77 40.84
N CYS B 131 -15.33 -18.97 41.28
CA CYS B 131 -16.35 -19.99 41.51
C CYS B 131 -17.43 -19.49 42.47
N GLU B 132 -17.00 -18.73 43.48
CA GLU B 132 -17.89 -18.17 44.47
C GLU B 132 -17.79 -16.66 44.52
N GLU B 133 -18.93 -16.00 44.35
CA GLU B 133 -19.06 -14.54 44.38
C GLU B 133 -20.40 -14.22 45.00
N GLY B 134 -20.39 -13.38 46.03
CA GLY B 134 -21.63 -13.00 46.70
C GLY B 134 -22.32 -14.20 47.33
N ASN B 135 -21.52 -15.17 47.77
CA ASN B 135 -22.09 -16.36 48.41
C ASN B 135 -22.93 -17.23 47.47
N ARG B 136 -22.81 -16.99 46.18
CA ARG B 136 -23.55 -17.77 45.20
C ARG B 136 -22.53 -18.44 44.30
N ASN B 137 -22.89 -19.60 43.78
CA ASN B 137 -21.98 -20.33 42.91
C ASN B 137 -22.02 -19.74 41.53
N LYS B 138 -20.85 -19.45 40.98
CA LYS B 138 -20.78 -18.90 39.64
C LYS B 138 -20.01 -19.84 38.69
N CYS B 139 -19.42 -20.89 39.27
CA CYS B 139 -18.65 -21.84 38.50
C CYS B 139 -18.10 -22.93 39.41
N ALA B 140 -18.21 -24.18 38.98
CA ALA B 140 -17.71 -25.31 39.76
C ALA B 140 -16.22 -25.40 39.56
N GLU B 141 -15.51 -25.95 40.56
CA GLU B 141 -14.07 -26.06 40.44
C GLU B 141 -13.72 -27.33 39.69
N TYR B 142 -13.55 -27.18 38.38
CA TYR B 142 -13.27 -28.29 37.51
C TYR B 142 -11.82 -28.71 37.50
N TRP B 143 -11.08 -28.44 38.58
CA TRP B 143 -9.69 -28.84 38.57
C TRP B 143 -9.20 -29.38 39.89
N PRO B 144 -8.12 -30.18 39.87
CA PRO B 144 -7.56 -30.74 41.11
C PRO B 144 -6.86 -29.67 41.90
N SER B 145 -6.90 -29.78 43.22
CA SER B 145 -6.20 -28.81 44.04
C SER B 145 -4.76 -29.30 44.02
N GLU B 147 -3.08 -30.12 45.95
CA GLU B 147 -2.99 -31.20 46.92
C GLU B 147 -3.37 -32.54 46.32
N GLU B 148 -4.64 -32.71 45.98
CA GLU B 148 -5.13 -33.95 45.39
C GLU B 148 -4.13 -34.40 44.33
N GLY B 149 -3.50 -33.42 43.66
CA GLY B 149 -2.50 -33.70 42.65
C GLY B 149 -3.04 -34.14 41.30
N THR B 150 -4.03 -35.02 41.34
CA THR B 150 -4.64 -35.53 40.13
C THR B 150 -6.05 -36.01 40.41
N ARG B 151 -6.97 -35.64 39.54
CA ARG B 151 -8.37 -36.02 39.65
C ARG B 151 -8.84 -36.20 38.23
N ALA B 152 -9.61 -37.25 38.01
CA ALA B 152 -10.07 -37.52 36.66
C ALA B 152 -11.56 -37.36 36.55
N PHE B 153 -11.98 -36.48 35.64
CA PHE B 153 -13.39 -36.22 35.41
C PHE B 153 -13.77 -37.09 34.24
N GLY B 154 -14.62 -38.09 34.51
CA GLY B 154 -15.02 -39.00 33.46
C GLY B 154 -13.82 -39.79 32.98
N ASP B 155 -13.61 -39.80 31.68
CA ASP B 155 -12.48 -40.52 31.10
C ASP B 155 -11.30 -39.60 30.92
N VAL B 156 -11.46 -38.34 31.28
CA VAL B 156 -10.37 -37.37 31.14
C VAL B 156 -9.55 -37.25 32.44
N VAL B 157 -8.24 -37.48 32.34
CA VAL B 157 -7.37 -37.41 33.51
C VAL B 157 -6.62 -36.09 33.61
N VAL B 158 -6.95 -35.31 34.64
CA VAL B 158 -6.31 -34.02 34.85
C VAL B 158 -5.32 -34.02 36.03
N LYS B 159 -4.07 -33.64 35.75
CA LYS B 159 -3.03 -33.59 36.77
C LYS B 159 -2.39 -32.23 36.69
N ILE B 160 -2.27 -31.57 37.84
CA ILE B 160 -1.66 -30.25 37.88
C ILE B 160 -0.19 -30.38 38.25
N ASN B 161 0.63 -29.55 37.62
CA ASN B 161 2.05 -29.59 37.88
C ASN B 161 2.50 -28.31 38.57
N GLN B 162 2.24 -27.18 37.93
CA GLN B 162 2.62 -25.90 38.50
C GLN B 162 1.41 -25.09 38.93
N HIS B 163 1.61 -24.24 39.92
CA HIS B 163 0.56 -23.38 40.44
C HIS B 163 1.20 -22.07 40.85
N LYS B 164 1.26 -21.12 39.92
CA LYS B 164 1.83 -19.78 40.19
C LYS B 164 0.64 -18.97 40.68
N ARG B 165 0.88 -18.06 41.62
CA ARG B 165 -0.22 -17.27 42.18
C ARG B 165 0.07 -15.78 42.19
N CYS B 166 -0.19 -15.11 41.07
CA CYS B 166 0.07 -13.67 40.96
C CYS B 166 -1.08 -12.82 41.51
N PRO B 167 -0.83 -11.51 41.73
CA PRO B 167 -1.75 -10.48 42.24
C PRO B 167 -3.17 -10.42 41.70
N ASP B 168 -3.35 -10.78 40.43
CA ASP B 168 -4.67 -10.73 39.81
C ASP B 168 -5.08 -12.05 39.20
N TYR B 169 -4.09 -12.82 38.77
CA TYR B 169 -4.37 -14.10 38.14
C TYR B 169 -3.53 -15.27 38.65
N ILE B 170 -4.10 -16.47 38.59
CA ILE B 170 -3.38 -17.66 39.00
C ILE B 170 -3.22 -18.57 37.79
N ILE B 171 -1.96 -18.82 37.42
CA ILE B 171 -1.61 -19.63 36.28
C ILE B 171 -1.28 -21.06 36.64
N GLN B 172 -2.05 -22.00 36.09
CA GLN B 172 -1.82 -23.40 36.34
C GLN B 172 -1.34 -24.12 35.08
N LYS B 173 -0.46 -25.08 35.28
CA LYS B 173 0.14 -25.89 34.22
C LYS B 173 -0.33 -27.33 34.40
N LEU B 174 -1.34 -27.73 33.63
CA LEU B 174 -1.91 -29.07 33.74
C LEU B 174 -1.46 -30.08 32.68
N ASN B 175 -1.76 -31.35 32.92
CA ASN B 175 -1.44 -32.41 31.98
C ASN B 175 -2.66 -33.31 31.90
N ILE B 176 -3.37 -33.26 30.78
CA ILE B 176 -4.55 -34.08 30.61
C ILE B 176 -4.33 -35.19 29.58
N VAL B 177 -5.03 -36.30 29.79
CA VAL B 177 -4.95 -37.46 28.91
C VAL B 177 -6.23 -38.29 29.06
N ASN B 178 -6.68 -38.90 27.97
CA ASN B 178 -7.85 -39.77 28.00
C ASN B 178 -7.19 -41.13 28.15
N LYS B 179 -7.42 -41.81 29.27
CA LYS B 179 -6.76 -43.08 29.43
C LYS B 179 -7.49 -44.25 28.81
N LYS B 180 -8.76 -44.03 28.46
CA LYS B 180 -9.51 -45.10 27.79
C LYS B 180 -8.93 -45.10 26.39
N GLU B 181 -8.73 -43.90 25.85
CA GLU B 181 -8.18 -43.70 24.50
C GLU B 181 -6.69 -44.03 24.41
N LYS B 182 -6.22 -44.91 25.31
CA LYS B 182 -4.82 -45.35 25.40
C LYS B 182 -3.80 -44.41 24.72
N ALA B 183 -3.97 -43.10 24.96
CA ALA B 183 -3.11 -42.09 24.34
C ALA B 183 -2.21 -41.28 25.27
N THR B 184 -1.41 -40.43 24.63
CA THR B 184 -0.45 -39.57 25.29
C THR B 184 -1.07 -38.23 25.69
N GLY B 185 -0.70 -37.76 26.88
CA GLY B 185 -1.24 -36.51 27.38
C GLY B 185 -0.89 -35.25 26.63
N ARG B 186 -1.45 -34.14 27.10
CA ARG B 186 -1.24 -32.83 26.50
C ARG B 186 -1.10 -31.79 27.61
N GLU B 187 -0.22 -30.84 27.39
CA GLU B 187 0.07 -29.76 28.33
C GLU B 187 -0.95 -28.62 28.24
N VAL B 188 -1.69 -28.40 29.31
CA VAL B 188 -2.70 -27.33 29.31
C VAL B 188 -2.33 -26.12 30.21
N THR B 189 -2.70 -24.93 29.76
CA THR B 189 -2.43 -23.71 30.52
C THR B 189 -3.76 -23.10 30.95
N HIS B 190 -3.95 -22.99 32.26
CA HIS B 190 -5.17 -22.46 32.83
C HIS B 190 -4.91 -21.16 33.61
N ILE B 191 -5.45 -20.04 33.14
CA ILE B 191 -5.28 -18.76 33.84
C ILE B 191 -6.62 -18.37 34.44
N GLN B 192 -6.60 -17.87 35.66
CA GLN B 192 -7.82 -17.40 36.30
C GLN B 192 -7.57 -15.97 36.74
N PHE B 193 -8.38 -15.05 36.24
CA PHE B 193 -8.25 -13.64 36.58
C PHE B 193 -9.26 -13.34 37.70
N THR B 194 -8.73 -13.04 38.88
CA THR B 194 -9.55 -12.80 40.06
C THR B 194 -9.88 -11.36 40.43
N SER B 195 -9.40 -10.40 39.63
CA SER B 195 -9.69 -9.01 39.93
C SER B 195 -10.79 -8.48 39.02
N TRP B 196 -11.77 -9.33 38.73
CA TRP B 196 -12.86 -8.92 37.87
C TRP B 196 -14.25 -9.29 38.41
N PRO B 197 -15.02 -8.28 38.82
CA PRO B 197 -16.38 -8.42 39.38
C PRO B 197 -17.47 -8.75 38.34
N ASP B 198 -18.35 -9.68 38.70
CA ASP B 198 -19.45 -10.13 37.85
C ASP B 198 -20.34 -8.94 37.47
N HIS B 199 -20.60 -8.77 36.18
CA HIS B 199 -21.42 -7.67 35.70
C HIS B 199 -20.64 -6.38 35.85
N GLY B 200 -19.44 -6.47 36.43
CA GLY B 200 -18.64 -5.28 36.66
C GLY B 200 -17.48 -5.05 35.70
N VAL B 201 -16.38 -4.54 36.23
CA VAL B 201 -15.17 -4.26 35.43
C VAL B 201 -14.02 -4.27 36.40
N PRO B 202 -12.78 -4.47 35.91
CA PRO B 202 -11.66 -4.48 36.86
C PRO B 202 -11.39 -3.05 37.41
N GLU B 203 -10.22 -2.86 38.01
CA GLU B 203 -9.89 -1.57 38.57
C GLU B 203 -9.27 -0.69 37.51
N ASP B 204 -8.14 -1.14 36.96
CA ASP B 204 -7.42 -0.40 35.94
C ASP B 204 -7.36 -1.13 34.59
N PRO B 205 -7.63 -0.42 33.49
CA PRO B 205 -7.57 -1.06 32.18
C PRO B 205 -6.27 -1.84 31.97
N HIS B 206 -5.15 -1.35 32.49
CA HIS B 206 -3.89 -2.06 32.32
C HIS B 206 -3.89 -3.49 32.85
N LEU B 207 -4.79 -3.78 33.78
CA LEU B 207 -4.88 -5.14 34.31
C LEU B 207 -5.31 -6.09 33.20
N LEU B 208 -6.30 -5.66 32.41
CA LEU B 208 -6.83 -6.44 31.29
C LEU B 208 -5.76 -6.49 30.23
N LEU B 209 -5.22 -5.33 29.88
CA LEU B 209 -4.15 -5.26 28.87
C LEU B 209 -3.04 -6.18 29.33
N LYS B 210 -3.01 -6.41 30.64
CA LYS B 210 -1.99 -7.26 31.26
C LYS B 210 -2.14 -8.76 30.95
N LEU B 211 -3.23 -9.39 31.39
CA LEU B 211 -3.39 -10.82 31.13
C LEU B 211 -3.53 -11.10 29.65
N ARG B 212 -3.77 -10.07 28.84
CA ARG B 212 -3.88 -10.32 27.40
C ARG B 212 -2.48 -10.61 26.93
N ARG B 213 -1.57 -9.69 27.24
CA ARG B 213 -0.18 -9.87 26.86
C ARG B 213 0.28 -11.28 27.25
N ARG B 214 -0.31 -11.83 28.32
CA ARG B 214 0.09 -13.14 28.80
C ARG B 214 -0.64 -14.38 28.32
N VAL B 215 -1.80 -14.24 27.68
CA VAL B 215 -2.43 -15.45 27.18
C VAL B 215 -1.86 -15.64 25.78
N ASN B 216 -1.59 -14.51 25.12
CA ASN B 216 -1.03 -14.49 23.76
C ASN B 216 0.34 -15.09 23.82
N ALA B 217 0.89 -15.17 25.01
CA ALA B 217 2.23 -15.69 25.18
C ALA B 217 2.21 -17.18 25.30
N PHE B 218 1.03 -17.73 25.52
CA PHE B 218 0.94 -19.16 25.71
C PHE B 218 1.05 -20.07 24.47
N SER B 219 1.23 -21.36 24.71
CA SER B 219 1.36 -22.33 23.65
C SER B 219 0.03 -22.95 23.23
N ASN B 220 -0.16 -23.10 21.92
CA ASN B 220 -1.38 -23.71 21.35
C ASN B 220 -1.02 -24.75 20.30
N PHE B 221 -0.36 -25.80 20.77
CA PHE B 221 0.09 -26.90 19.92
C PHE B 221 -0.81 -27.25 18.74
N PHE B 222 -2.03 -27.69 19.07
CA PHE B 222 -3.00 -28.12 18.07
C PHE B 222 -3.73 -27.04 17.28
N SER B 223 -3.38 -25.79 17.53
CA SER B 223 -4.03 -24.69 16.82
C SER B 223 -5.50 -24.79 17.15
N GLY B 224 -5.80 -25.24 18.37
CA GLY B 224 -7.18 -25.38 18.79
C GLY B 224 -7.77 -24.05 19.20
N PRO B 225 -9.06 -24.04 19.54
CA PRO B 225 -9.73 -22.81 19.96
C PRO B 225 -9.29 -22.45 21.37
N ILE B 226 -9.50 -21.19 21.75
CA ILE B 226 -9.14 -20.74 23.08
C ILE B 226 -10.40 -20.66 23.91
N VAL B 227 -10.43 -21.41 25.00
CA VAL B 227 -11.59 -21.42 25.85
C VAL B 227 -11.53 -20.21 26.73
N VAL B 228 -12.53 -19.34 26.60
CA VAL B 228 -12.67 -18.14 27.41
C VAL B 228 -14.03 -18.28 28.07
N HIS B 229 -14.05 -18.61 29.35
CA HIS B 229 -15.34 -18.76 30.01
C HIS B 229 -15.40 -17.95 31.30
N SER B 230 -16.62 -17.72 31.75
CA SER B 230 -16.89 -17.00 32.97
C SER B 230 -18.05 -17.73 33.63
N SER B 231 -19.03 -16.97 34.09
CA SER B 231 -20.19 -17.58 34.74
C SER B 231 -21.27 -17.96 33.73
N ALA B 232 -21.60 -17.04 32.82
CA ALA B 232 -22.61 -17.33 31.79
C ALA B 232 -21.91 -17.41 30.45
N GLY B 233 -20.65 -16.97 30.45
CA GLY B 233 -19.84 -17.01 29.26
C GLY B 233 -20.01 -15.84 28.32
N VAL B 234 -20.95 -14.96 28.62
CA VAL B 234 -21.18 -13.82 27.75
C VAL B 234 -20.56 -12.50 28.20
N GLY B 235 -20.74 -12.18 29.48
CA GLY B 235 -20.24 -10.94 30.02
C GLY B 235 -18.75 -10.67 30.00
N ARG B 236 -18.08 -11.03 31.08
CA ARG B 236 -16.66 -10.78 31.19
C ARG B 236 -15.90 -11.40 30.04
N THR B 237 -16.30 -12.60 29.63
CA THR B 237 -15.63 -13.29 28.54
C THR B 237 -15.75 -12.49 27.24
N GLY B 238 -16.99 -12.16 26.85
CA GLY B 238 -17.21 -11.40 25.64
C GLY B 238 -16.32 -10.17 25.64
N THR B 239 -16.23 -9.53 26.79
CA THR B 239 -15.42 -8.33 26.94
C THR B 239 -13.94 -8.61 26.65
N TYR B 240 -13.41 -9.68 27.24
CA TYR B 240 -12.01 -10.03 27.05
C TYR B 240 -11.69 -10.21 25.58
N ILE B 241 -12.49 -11.01 24.90
CA ILE B 241 -12.30 -11.24 23.48
C ILE B 241 -12.26 -9.85 22.80
N GLY B 242 -13.27 -9.03 23.08
CA GLY B 242 -13.33 -7.71 22.51
C GLY B 242 -11.97 -7.05 22.41
N ILE B 243 -11.30 -6.89 23.55
CA ILE B 243 -9.99 -6.26 23.55
C ILE B 243 -8.96 -7.02 22.71
N ASP B 244 -8.76 -8.31 22.98
CA ASP B 244 -7.80 -9.12 22.24
C ASP B 244 -7.95 -8.90 20.75
N ALA B 245 -9.18 -9.02 20.26
CA ALA B 245 -9.44 -8.83 18.84
C ALA B 245 -9.11 -7.42 18.39
N LEU B 247 -7.42 -5.24 19.41
CA LEU B 247 -6.04 -4.82 19.56
C LEU B 247 -5.35 -5.27 18.30
N GLU B 248 -5.62 -6.52 17.91
CA GLU B 248 -5.05 -7.07 16.68
C GLU B 248 -5.45 -6.08 15.60
N GLY B 249 -6.74 -5.77 15.58
CA GLY B 249 -7.27 -4.85 14.60
C GLY B 249 -6.65 -3.46 14.61
N LEU B 250 -5.93 -3.15 15.68
CA LEU B 250 -5.27 -1.85 15.78
C LEU B 250 -3.83 -2.06 15.35
N GLU B 251 -3.22 -3.11 15.87
CA GLU B 251 -1.84 -3.46 15.54
C GLU B 251 -1.84 -3.91 14.07
N ALA B 252 -3.00 -3.75 13.42
CA ALA B 252 -3.17 -4.17 12.04
C ALA B 252 -3.56 -3.08 11.05
N GLU B 253 -4.52 -2.25 11.41
CA GLU B 253 -4.96 -1.22 10.48
C GLU B 253 -5.02 0.17 11.09
N ASN B 254 -4.55 0.30 12.34
CA ASN B 254 -4.58 1.58 13.04
C ASN B 254 -5.99 2.16 13.05
N LYS B 255 -6.97 1.27 13.13
CA LYS B 255 -8.36 1.68 13.18
C LYS B 255 -9.01 0.57 13.98
N VAL B 256 -10.22 0.83 14.46
CA VAL B 256 -10.93 -0.15 15.27
C VAL B 256 -12.44 0.05 15.21
N ASP B 257 -13.16 -0.95 14.74
CA ASP B 257 -14.62 -0.86 14.69
C ASP B 257 -15.20 -1.64 15.84
N VAL B 258 -15.01 -1.11 17.05
CA VAL B 258 -15.50 -1.77 18.25
C VAL B 258 -16.98 -2.07 18.09
N TYR B 259 -17.76 -1.01 17.88
CA TYR B 259 -19.19 -1.17 17.72
C TYR B 259 -19.42 -2.42 16.85
N GLY B 260 -18.92 -2.38 15.62
CA GLY B 260 -19.08 -3.49 14.72
C GLY B 260 -18.70 -4.83 15.29
N TYR B 261 -17.49 -4.93 15.83
CA TYR B 261 -17.03 -6.18 16.41
C TYR B 261 -17.93 -6.69 17.55
N VAL B 262 -18.57 -5.78 18.27
CA VAL B 262 -19.47 -6.17 19.36
C VAL B 262 -20.74 -6.73 18.74
N VAL B 263 -21.26 -6.01 17.74
CA VAL B 263 -22.47 -6.42 17.02
C VAL B 263 -22.17 -7.78 16.38
N LYS B 264 -20.96 -7.88 15.83
CA LYS B 264 -20.51 -9.09 15.18
C LYS B 264 -20.47 -10.21 16.23
N LEU B 265 -20.09 -9.85 17.46
CA LEU B 265 -20.04 -10.82 18.54
C LEU B 265 -21.45 -11.19 18.95
N ARG B 266 -22.23 -10.15 19.24
CA ARG B 266 -23.61 -10.33 19.65
C ARG B 266 -24.38 -11.21 18.66
N ARG B 267 -23.80 -11.44 17.48
CA ARG B 267 -24.45 -12.28 16.49
C ARG B 267 -24.14 -13.77 16.73
N GLN B 268 -23.02 -14.06 17.39
CA GLN B 268 -22.64 -15.45 17.67
C GLN B 268 -23.07 -15.96 19.04
N ARG B 269 -23.27 -15.04 19.97
CA ARG B 269 -23.67 -15.42 21.31
C ARG B 269 -24.41 -14.23 21.91
N CYS B 270 -25.59 -14.49 22.44
CA CYS B 270 -26.41 -13.44 23.00
C CYS B 270 -25.77 -12.69 24.18
N LEU B 271 -26.17 -11.44 24.32
CA LEU B 271 -25.72 -10.59 25.39
C LEU B 271 -24.20 -10.49 25.59
N VAL B 273 -20.79 -9.10 26.04
CA VAL B 273 -20.45 -7.72 26.46
C VAL B 273 -21.77 -7.12 27.01
N GLN B 274 -22.23 -7.69 28.12
CA GLN B 274 -23.49 -7.31 28.77
C GLN B 274 -23.57 -5.98 29.52
N VAL B 275 -22.49 -5.20 29.57
CA VAL B 275 -22.56 -3.94 30.30
C VAL B 275 -21.91 -2.74 29.66
N GLU B 276 -22.55 -1.58 29.85
CA GLU B 276 -22.13 -0.28 29.33
C GLU B 276 -20.74 0.02 29.83
N ALA B 277 -20.50 -0.41 31.06
CA ALA B 277 -19.20 -0.21 31.70
C ALA B 277 -18.16 -1.01 30.94
N GLN B 278 -18.49 -2.27 30.69
CA GLN B 278 -17.60 -3.17 29.97
C GLN B 278 -17.41 -2.60 28.56
N TYR B 279 -18.50 -2.10 27.98
CA TYR B 279 -18.45 -1.50 26.65
C TYR B 279 -17.41 -0.39 26.66
N ILE B 280 -17.57 0.55 27.60
CA ILE B 280 -16.65 1.68 27.75
C ILE B 280 -15.25 1.19 28.10
N LEU B 281 -15.19 0.04 28.75
CA LEU B 281 -13.93 -0.57 29.15
C LEU B 281 -13.08 -0.90 27.93
N ILE B 282 -13.65 -1.68 27.01
CA ILE B 282 -12.99 -2.08 25.77
C ILE B 282 -12.28 -0.90 25.09
N HIS B 283 -13.00 0.21 25.03
CA HIS B 283 -12.46 1.41 24.42
C HIS B 283 -11.24 1.91 25.19
N GLN B 284 -11.38 2.06 26.50
CA GLN B 284 -10.28 2.54 27.36
C GLN B 284 -9.04 1.70 27.16
N ALA B 285 -9.29 0.40 27.08
CA ALA B 285 -8.22 -0.58 26.89
C ALA B 285 -7.39 -0.18 25.68
N LEU B 286 -8.09 0.13 24.60
CA LEU B 286 -7.48 0.53 23.34
C LEU B 286 -6.88 1.93 23.42
N VAL B 287 -7.61 2.84 24.09
CA VAL B 287 -7.16 4.21 24.26
C VAL B 287 -5.88 4.29 25.10
N GLU B 288 -5.71 3.34 26.02
CA GLU B 288 -4.54 3.32 26.88
C GLU B 288 -3.34 2.57 26.31
N TYR B 289 -3.60 1.49 25.57
CA TYR B 289 -2.49 0.77 24.95
C TYR B 289 -2.06 1.77 23.88
N ASN B 290 -3.05 2.59 23.50
CA ASN B 290 -2.89 3.63 22.50
C ASN B 290 -1.81 4.61 22.96
N GLN B 291 -2.04 5.19 24.14
CA GLN B 291 -1.15 6.18 24.72
C GLN B 291 0.32 5.78 24.97
N PHE B 292 0.53 4.84 25.88
CA PHE B 292 1.90 4.47 26.21
C PHE B 292 2.40 3.08 25.81
N GLY B 293 1.53 2.30 25.16
CA GLY B 293 1.91 0.96 24.70
C GLY B 293 2.43 0.07 25.82
N GLU B 294 3.28 -0.90 25.49
CA GLU B 294 3.80 -1.78 26.54
C GLU B 294 5.05 -1.21 27.18
N THR B 295 5.14 -1.37 28.50
CA THR B 295 6.27 -0.87 29.29
C THR B 295 6.66 -1.82 30.44
N GLU B 296 6.56 -3.13 30.18
CA GLU B 296 6.86 -4.12 31.22
C GLU B 296 8.15 -4.94 31.02
N VAL B 297 9.27 -4.24 30.89
CA VAL B 297 10.58 -4.91 30.75
C VAL B 297 10.70 -6.16 31.64
N ASN B 298 11.34 -7.20 31.10
CA ASN B 298 11.57 -8.47 31.80
C ASN B 298 12.87 -8.33 32.60
N LEU B 299 13.20 -9.33 33.42
CA LEU B 299 14.42 -9.29 34.21
C LEU B 299 15.69 -9.29 33.37
N SER B 300 15.98 -10.40 32.69
CA SER B 300 17.19 -10.49 31.88
C SER B 300 17.26 -9.38 30.83
N GLU B 301 16.10 -8.95 30.35
CA GLU B 301 16.02 -7.86 29.34
C GLU B 301 16.01 -6.46 30.01
N LEU B 302 16.62 -6.34 31.19
CA LEU B 302 16.64 -5.07 31.90
C LEU B 302 17.84 -4.18 31.58
N HIS B 303 19.05 -4.65 31.90
CA HIS B 303 20.25 -3.86 31.64
C HIS B 303 20.38 -3.42 30.16
N PRO B 304 19.94 -4.29 29.22
CA PRO B 304 20.02 -3.93 27.80
C PRO B 304 19.09 -2.75 27.54
N TYR B 305 17.79 -3.04 27.67
CA TYR B 305 16.72 -2.08 27.48
C TYR B 305 17.02 -0.71 28.07
N LEU B 306 17.38 -0.71 29.35
CA LEU B 306 17.69 0.53 30.04
C LEU B 306 18.90 1.24 29.46
N HIS B 307 19.97 0.51 29.16
CA HIS B 307 21.17 1.18 28.63
C HIS B 307 20.94 2.06 27.38
N ASN B 308 20.15 1.54 26.44
CA ASN B 308 19.87 2.26 25.21
C ASN B 308 18.75 3.29 25.46
N LYS B 310 18.72 5.15 27.25
CA LYS B 310 19.52 6.34 27.58
C LYS B 310 20.08 7.01 26.32
N LYS B 311 21.04 6.32 25.67
CA LYS B 311 21.70 6.82 24.45
C LYS B 311 20.75 7.57 23.49
N ARG B 312 21.14 8.80 23.13
CA ARG B 312 20.32 9.62 22.22
C ARG B 312 21.15 10.28 21.08
N ASP B 313 21.50 9.44 20.09
CA ASP B 313 22.29 9.86 18.91
C ASP B 313 22.15 11.35 18.56
N PRO B 314 20.93 11.79 18.17
CA PRO B 314 20.73 13.20 17.82
C PRO B 314 20.99 14.15 19.00
N PRO B 315 21.98 15.06 18.86
CA PRO B 315 22.46 16.08 19.82
C PRO B 315 21.46 16.59 20.90
N SER B 316 20.20 16.76 20.50
CA SER B 316 19.17 17.18 21.45
C SER B 316 18.35 15.92 21.80
N GLU B 317 17.44 15.53 20.89
CA GLU B 317 16.56 14.36 21.03
C GLU B 317 16.64 13.67 22.39
N PRO B 318 15.92 14.22 23.40
CA PRO B 318 15.92 13.65 24.76
C PRO B 318 15.93 12.13 24.70
N SER B 319 16.63 11.51 25.65
CA SER B 319 16.73 10.05 25.68
C SER B 319 15.33 9.42 25.61
N PRO B 320 15.23 8.23 25.00
CA PRO B 320 13.96 7.50 24.86
C PRO B 320 13.20 7.47 26.20
N LEU B 321 13.96 7.21 27.26
CA LEU B 321 13.45 7.15 28.63
C LEU B 321 12.77 8.50 28.98
N GLU B 322 13.46 9.60 28.67
CA GLU B 322 12.92 10.92 28.93
C GLU B 322 11.56 10.98 28.22
N ALA B 323 11.50 10.37 27.03
CA ALA B 323 10.28 10.33 26.25
C ALA B 323 9.17 9.70 27.07
N GLU B 324 9.53 8.57 27.69
CA GLU B 324 8.64 7.80 28.53
C GLU B 324 8.10 8.66 29.69
N PHE B 325 9.00 9.24 30.47
CA PHE B 325 8.58 10.06 31.59
C PHE B 325 7.64 11.15 31.16
N GLN B 326 7.85 11.65 29.95
CA GLN B 326 7.01 12.72 29.48
C GLN B 326 5.62 12.26 29.09
N ARG B 327 5.50 11.01 28.67
CA ARG B 327 4.19 10.48 28.29
C ARG B 327 3.36 10.26 29.55
N LEU B 328 4.06 10.08 30.67
CA LEU B 328 3.42 9.85 31.95
C LEU B 328 2.55 11.02 32.36
N PRO B 329 1.23 10.78 32.50
CA PRO B 329 0.25 11.79 32.89
C PRO B 329 0.67 12.47 34.18
N SER B 330 -0.15 13.40 34.63
CA SER B 330 0.10 14.13 35.86
C SER B 330 -1.25 14.73 36.15
N TYR B 331 -2.03 13.89 36.80
CA TYR B 331 -3.40 14.14 37.21
C TYR B 331 -3.63 15.46 37.99
N ARG B 332 -2.84 16.48 37.68
CA ARG B 332 -2.88 17.77 38.37
C ARG B 332 -4.08 18.00 39.29
N SER B 333 -5.28 18.03 38.75
CA SER B 333 -6.46 18.22 39.60
C SER B 333 -7.40 17.04 39.44
N TRP B 334 -6.80 15.93 38.99
CA TRP B 334 -7.47 14.66 38.75
C TRP B 334 -8.78 14.36 39.48
N ARG B 335 -8.88 14.77 40.73
CA ARG B 335 -10.12 14.51 41.45
C ARG B 335 -10.34 15.39 42.67
N THR B 336 -11.53 15.25 43.24
CA THR B 336 -11.98 15.98 44.41
C THR B 336 -11.09 15.83 45.63
N GLN B 337 -10.78 16.96 46.25
CA GLN B 337 -9.99 16.98 47.47
C GLN B 337 -10.35 18.22 48.27
N HIS B 338 -11.60 18.24 48.70
CA HIS B 338 -12.17 19.35 49.46
C HIS B 338 -11.86 19.19 50.95
N ILE B 339 -12.10 17.99 51.46
CA ILE B 339 -11.85 17.66 52.87
C ILE B 339 -10.56 18.34 53.34
N GLY B 340 -9.48 18.04 52.63
CA GLY B 340 -8.18 18.58 52.98
C GLY B 340 -8.02 20.08 52.87
N ASN B 341 -8.98 20.74 52.23
CA ASN B 341 -8.90 22.18 52.07
C ASN B 341 -9.86 23.01 52.91
N GLN B 342 -10.20 22.52 54.12
CA GLN B 342 -11.11 23.28 54.98
C GLN B 342 -10.35 24.30 55.81
N GLU B 343 -11.06 25.29 56.33
CA GLU B 343 -10.41 26.35 57.10
C GLU B 343 -9.44 25.87 58.20
N GLU B 344 -9.94 25.05 59.12
CA GLU B 344 -9.13 24.53 60.21
C GLU B 344 -8.03 23.57 59.74
N ASN B 345 -8.34 22.84 58.67
CA ASN B 345 -7.44 21.84 58.10
C ASN B 345 -6.28 22.37 57.27
N LYS B 346 -6.41 23.58 56.71
CA LYS B 346 -5.32 24.17 55.92
C LYS B 346 -4.07 24.33 56.79
N SER B 347 -4.28 24.30 58.10
CA SER B 347 -3.21 24.43 59.09
C SER B 347 -2.86 23.06 59.66
N LYS B 348 -3.21 22.02 58.89
CA LYS B 348 -2.94 20.64 59.24
C LYS B 348 -2.14 19.97 58.10
N ASN B 349 -1.59 20.80 57.22
CA ASN B 349 -0.81 20.31 56.09
C ASN B 349 0.57 20.96 56.06
N ARG B 350 1.61 20.17 56.25
CA ARG B 350 2.99 20.69 56.20
C ARG B 350 3.15 21.37 54.85
N ASN B 351 2.23 21.04 53.95
CA ASN B 351 2.21 21.61 52.61
C ASN B 351 0.76 21.67 52.12
N SER B 352 0.27 22.90 51.90
CA SER B 352 -1.11 23.17 51.44
C SER B 352 -1.49 22.57 50.07
N ASN B 353 -0.51 22.44 49.16
CA ASN B 353 -0.78 21.84 47.86
C ASN B 353 -0.13 20.46 47.73
N VAL B 354 -0.50 19.59 48.67
CA VAL B 354 -0.05 18.21 48.72
C VAL B 354 -1.09 17.58 49.64
N ILE B 355 -2.35 17.86 49.33
CA ILE B 355 -3.47 17.35 50.09
C ILE B 355 -4.02 16.05 49.50
N PRO B 356 -4.35 15.07 50.37
CA PRO B 356 -4.89 13.80 49.89
C PRO B 356 -6.24 13.94 49.17
N TYR B 357 -6.43 13.13 48.12
CA TYR B 357 -7.67 13.15 47.36
C TYR B 357 -8.77 12.66 48.29
N ASP B 358 -9.94 13.30 48.26
CA ASP B 358 -11.06 12.88 49.11
C ASP B 358 -11.25 11.37 48.93
N TYR B 359 -10.96 10.92 47.71
CA TYR B 359 -11.10 9.53 47.29
C TYR B 359 -10.19 8.47 47.95
N ASN B 360 -9.22 8.89 48.76
CA ASN B 360 -8.34 7.94 49.45
C ASN B 360 -7.74 8.47 50.76
N ARG B 361 -8.13 9.70 51.14
CA ARG B 361 -7.66 10.32 52.38
C ARG B 361 -7.97 9.37 53.53
N VAL B 362 -7.03 9.23 54.46
CA VAL B 362 -7.25 8.33 55.60
C VAL B 362 -8.19 8.90 56.68
N PRO B 363 -9.32 8.21 56.92
CA PRO B 363 -10.30 8.63 57.92
C PRO B 363 -9.72 8.56 59.36
N LEU B 364 -10.48 9.07 60.32
CA LEU B 364 -10.09 9.05 61.73
C LEU B 364 -11.42 8.78 62.40
N LYS B 365 -11.75 7.51 62.60
CA LYS B 365 -13.05 7.18 63.18
C LYS B 365 -13.07 6.83 64.66
N HIS B 366 -13.42 5.59 64.97
CA HIS B 366 -13.51 5.11 66.37
C HIS B 366 -12.74 3.79 66.50
N GLU B 367 -13.21 2.77 65.77
CA GLU B 367 -12.58 1.47 65.80
C GLU B 367 -11.76 1.20 64.55
N SER B 392 -15.74 10.62 61.78
CA SER B 392 -14.54 10.79 60.97
C SER B 392 -13.93 12.19 61.06
N LYS B 393 -12.62 12.26 60.90
CA LYS B 393 -11.90 13.52 60.93
C LYS B 393 -10.87 13.51 59.79
N TYR B 394 -9.85 14.35 59.92
CA TYR B 394 -8.86 14.49 58.86
C TYR B 394 -7.39 14.59 59.22
N ILE B 395 -6.58 13.97 58.36
CA ILE B 395 -5.13 13.98 58.48
C ILE B 395 -4.54 14.01 57.07
N ASN B 396 -3.24 14.28 56.96
CA ASN B 396 -2.63 14.32 55.64
C ASN B 396 -1.93 12.99 55.41
N ALA B 397 -2.75 11.95 55.20
CA ALA B 397 -2.27 10.60 54.96
C ALA B 397 -3.06 9.98 53.80
N SER B 398 -2.35 9.47 52.79
CA SER B 398 -3.00 8.87 51.64
C SER B 398 -2.82 7.36 51.56
N PHE B 399 -3.90 6.65 51.21
CA PHE B 399 -3.86 5.20 51.07
C PHE B 399 -3.14 4.87 49.77
N ILE B 400 -2.25 3.89 49.81
CA ILE B 400 -1.51 3.50 48.62
C ILE B 400 -1.64 2.01 48.32
N SER B 402 -0.88 -1.70 47.13
CA SER B 402 0.31 -2.55 47.24
C SER B 402 0.31 -3.69 46.23
N TYR B 403 1.49 -4.07 45.74
CA TYR B 403 1.59 -5.16 44.78
C TYR B 403 0.54 -6.24 44.98
N TRP B 404 0.41 -6.72 46.22
CA TRP B 404 -0.57 -7.75 46.50
C TRP B 404 -1.88 -7.13 46.91
N LYS B 405 -2.85 -7.14 45.99
CA LYS B 405 -4.18 -6.59 46.26
C LYS B 405 -4.87 -7.63 47.15
N PRO B 406 -5.69 -7.18 48.12
CA PRO B 406 -6.03 -5.79 48.45
C PRO B 406 -5.16 -5.09 49.51
N GLU B 407 -3.98 -5.64 49.83
CA GLU B 407 -3.11 -5.01 50.82
C GLU B 407 -2.79 -3.54 50.49
N VAL B 408 -2.87 -2.70 51.50
CA VAL B 408 -2.60 -1.29 51.30
C VAL B 408 -1.71 -0.71 52.39
N ILE B 410 0.00 3.14 54.12
CA ILE B 410 -0.23 4.56 54.28
C ILE B 410 0.99 5.38 53.95
N ALA B 411 0.80 6.40 53.12
CA ALA B 411 1.86 7.31 52.70
C ALA B 411 1.46 8.69 53.20
N ALA B 412 1.86 8.98 54.44
CA ALA B 412 1.55 10.24 55.11
C ALA B 412 2.76 11.15 55.22
N GLN B 413 2.53 12.30 55.82
CA GLN B 413 3.55 13.32 56.02
C GLN B 413 4.04 13.28 57.47
N GLY B 414 5.30 13.65 57.67
CA GLY B 414 5.83 13.69 59.02
C GLY B 414 4.80 14.49 59.81
N PRO B 415 4.42 14.05 61.03
CA PRO B 415 3.44 14.77 61.84
C PRO B 415 3.76 16.24 62.06
N LEU B 416 2.71 17.06 62.23
CA LEU B 416 2.90 18.46 62.50
C LEU B 416 2.84 18.64 64.00
N LYS B 417 3.74 19.48 64.49
CA LYS B 417 3.86 19.78 65.92
C LYS B 417 2.49 19.89 66.63
N GLU B 418 1.42 19.95 65.84
CA GLU B 418 0.08 20.06 66.40
C GLU B 418 -0.82 18.84 66.16
N THR B 419 -0.45 18.00 65.18
CA THR B 419 -1.20 16.78 64.82
C THR B 419 -0.59 15.54 65.45
N ILE B 420 0.60 15.70 66.02
CA ILE B 420 1.31 14.59 66.65
C ILE B 420 0.35 13.67 67.42
N GLY B 421 -0.79 14.20 67.82
CA GLY B 421 -1.76 13.39 68.56
C GLY B 421 -2.56 12.52 67.61
N ASP B 422 -3.15 13.14 66.58
CA ASP B 422 -3.94 12.40 65.59
C ASP B 422 -3.09 11.29 64.99
N PHE B 423 -1.87 11.64 64.58
CA PHE B 423 -0.94 10.69 63.98
C PHE B 423 -1.00 9.32 64.67
N TRP B 424 -0.81 9.30 65.99
CA TRP B 424 -0.84 8.03 66.72
C TRP B 424 -2.21 7.39 66.73
N GLN B 425 -3.27 8.19 66.61
CA GLN B 425 -4.61 7.61 66.54
C GLN B 425 -4.63 6.72 65.29
N ILE B 427 -1.95 5.39 63.45
CA ILE B 427 -1.11 4.21 63.44
C ILE B 427 -1.60 3.22 64.46
N PHE B 428 -2.68 3.56 65.15
CA PHE B 428 -3.25 2.65 66.13
C PHE B 428 -4.55 2.08 65.61
N GLN B 429 -5.36 2.97 65.03
CA GLN B 429 -6.64 2.57 64.47
C GLN B 429 -6.43 1.63 63.28
N ARG B 430 -5.65 2.10 62.31
CA ARG B 430 -5.36 1.32 61.12
C ARG B 430 -4.35 0.20 61.39
N LYS B 431 -4.04 0.01 62.68
CA LYS B 431 -3.13 -1.03 63.09
C LYS B 431 -1.80 -1.08 62.31
N VAL B 432 -0.98 -0.04 62.44
CA VAL B 432 0.30 -0.05 61.76
C VAL B 432 1.26 -0.94 62.57
N LYS B 433 2.20 -1.59 61.88
CA LYS B 433 3.16 -2.48 62.53
C LYS B 433 4.57 -1.93 62.37
N VAL B 434 4.80 -1.24 61.26
CA VAL B 434 6.10 -0.68 60.97
C VAL B 434 5.95 0.68 60.30
N ILE B 435 6.75 1.64 60.76
CA ILE B 435 6.76 3.00 60.24
C ILE B 435 8.12 3.23 59.62
N VAL B 436 8.15 3.92 58.50
CA VAL B 436 9.42 4.21 57.85
C VAL B 436 9.52 5.70 57.66
N LEU B 438 11.56 8.76 56.36
CA LEU B 438 12.64 9.10 55.43
C LEU B 438 13.33 10.44 55.68
N THR B 439 12.94 11.11 56.78
CA THR B 439 13.51 12.41 57.12
C THR B 439 14.16 12.54 58.48
N GLU B 440 14.87 13.64 58.63
CA GLU B 440 15.56 14.00 59.86
C GLU B 440 14.51 14.79 60.64
N LEU B 441 14.76 15.06 61.92
CA LEU B 441 13.79 15.82 62.72
C LEU B 441 13.73 17.28 62.31
N LYS B 442 14.87 17.79 61.85
CA LYS B 442 14.95 19.16 61.36
C LYS B 442 16.28 19.50 60.71
N HIS B 443 16.21 20.36 59.69
CA HIS B 443 17.38 20.83 58.95
C HIS B 443 17.87 22.12 59.59
N GLY B 444 19.17 22.14 59.90
CA GLY B 444 19.77 23.29 60.54
C GLY B 444 18.98 23.70 61.77
N ASP B 445 18.01 24.59 61.57
CA ASP B 445 17.19 25.10 62.66
C ASP B 445 15.71 24.85 62.37
N GLN B 446 15.36 24.79 61.08
CA GLN B 446 14.00 24.57 60.61
C GLN B 446 13.52 23.11 60.70
N GLU B 447 12.35 22.91 61.32
CA GLU B 447 11.76 21.56 61.49
C GLU B 447 11.18 20.96 60.20
N ILE B 448 11.71 19.79 59.84
CA ILE B 448 11.27 19.06 58.67
C ILE B 448 10.15 18.12 59.12
N CYS B 449 10.17 17.81 60.41
CA CYS B 449 9.16 16.94 60.98
C CYS B 449 9.13 17.35 62.42
N ALA B 450 8.11 16.88 63.14
CA ALA B 450 7.97 17.15 64.56
C ALA B 450 8.80 16.08 65.31
N GLN B 451 8.20 15.46 66.32
CA GLN B 451 8.89 14.42 67.07
C GLN B 451 7.88 13.62 67.88
N TYR B 452 7.03 12.89 67.18
CA TYR B 452 5.98 12.07 67.79
C TYR B 452 6.46 11.12 68.90
N TRP B 453 7.73 11.20 69.27
CA TRP B 453 8.23 10.33 70.32
C TRP B 453 9.13 11.07 71.32
N GLY B 454 9.20 10.52 72.54
CA GLY B 454 10.04 11.08 73.59
C GLY B 454 10.67 9.95 74.38
N GLU B 455 11.45 10.26 75.42
CA GLU B 455 12.07 9.21 76.24
C GLU B 455 11.11 8.66 77.29
N GLY B 456 10.17 9.50 77.71
CA GLY B 456 9.21 9.11 78.73
C GLY B 456 8.13 8.14 78.30
N LYS B 457 6.92 8.44 78.73
CA LYS B 457 5.74 7.63 78.42
C LYS B 457 4.68 8.53 77.78
N GLN B 458 5.12 9.37 76.83
CA GLN B 458 4.23 10.29 76.15
C GLN B 458 2.87 9.65 75.91
N THR B 459 1.83 10.43 76.11
CA THR B 459 0.50 9.93 75.95
C THR B 459 -0.34 10.97 75.22
N TYR B 460 -0.86 10.55 74.07
CA TYR B 460 -1.66 11.43 73.23
C TYR B 460 -3.11 10.93 73.19
N GLY B 461 -4.01 11.73 73.77
CA GLY B 461 -5.40 11.37 73.81
C GLY B 461 -5.58 10.04 74.53
N ASP B 462 -6.47 9.21 73.99
CA ASP B 462 -6.77 7.90 74.56
C ASP B 462 -5.55 6.96 74.52
N ILE B 463 -4.64 7.17 73.57
CA ILE B 463 -3.47 6.29 73.44
C ILE B 463 -2.24 6.73 74.23
N GLU B 464 -1.39 5.76 74.54
CA GLU B 464 -0.17 5.95 75.32
C GLU B 464 1.04 5.23 74.68
N VAL B 465 2.07 5.98 74.30
CA VAL B 465 3.27 5.39 73.70
C VAL B 465 4.31 5.24 74.80
N ASP B 466 5.37 4.47 74.52
CA ASP B 466 6.42 4.23 75.50
C ASP B 466 7.52 3.50 74.77
N LEU B 467 8.52 4.21 74.25
CA LEU B 467 9.58 3.53 73.53
C LEU B 467 10.39 2.65 74.48
N LYS B 468 10.78 1.48 73.99
CA LYS B 468 11.52 0.50 74.78
C LYS B 468 12.94 0.33 74.30
N ASP B 469 13.20 0.66 73.04
CA ASP B 469 14.54 0.50 72.53
C ASP B 469 14.84 1.53 71.45
N THR B 470 16.10 1.88 71.30
CA THR B 470 16.53 2.83 70.28
C THR B 470 17.86 2.29 69.77
N ASP B 471 17.86 1.77 68.54
CA ASP B 471 19.09 1.22 67.96
C ASP B 471 19.59 1.99 66.76
N LYS B 472 20.78 2.55 66.92
CA LYS B 472 21.40 3.31 65.86
C LYS B 472 22.41 2.49 65.09
N SER B 473 22.28 2.60 63.78
CA SER B 473 23.12 1.91 62.83
C SER B 473 23.69 2.95 61.87
N SER B 474 24.82 2.64 61.26
CA SER B 474 25.46 3.56 60.31
C SER B 474 24.53 4.06 59.21
N THR B 475 23.39 3.40 59.03
CA THR B 475 22.46 3.79 57.98
C THR B 475 21.10 4.30 58.48
N TYR B 476 20.44 3.50 59.32
CA TYR B 476 19.15 3.89 59.84
C TYR B 476 19.18 3.78 61.35
N THR B 477 18.01 3.92 61.97
CA THR B 477 17.90 3.80 63.42
C THR B 477 16.53 3.21 63.74
N LEU B 478 16.53 2.06 64.41
CA LEU B 478 15.30 1.39 64.78
C LEU B 478 14.84 1.83 66.17
N ARG B 479 13.54 2.10 66.31
CA ARG B 479 12.95 2.47 67.59
C ARG B 479 11.76 1.54 67.81
N VAL B 480 11.75 0.88 68.94
CA VAL B 480 10.67 -0.01 69.29
C VAL B 480 9.78 0.63 70.34
N PHE B 481 8.53 0.91 70.00
CA PHE B 481 7.59 1.51 70.92
C PHE B 481 6.66 0.41 71.39
N GLU B 482 5.94 0.68 72.46
CA GLU B 482 4.94 -0.25 72.99
C GLU B 482 3.72 0.66 73.16
N LEU B 483 2.64 0.36 72.45
CA LEU B 483 1.48 1.23 72.54
C LEU B 483 0.33 0.68 73.33
N ARG B 484 -0.47 1.59 73.87
CA ARG B 484 -1.62 1.19 74.65
C ARG B 484 -2.66 2.29 74.83
N HIS B 485 -3.69 1.94 75.60
CA HIS B 485 -4.81 2.80 75.95
C HIS B 485 -5.16 2.48 77.41
N SER B 486 -6.29 3.00 77.91
CA SER B 486 -6.69 2.71 79.29
C SER B 486 -7.14 1.23 79.30
N LYS B 487 -7.28 0.68 78.10
CA LYS B 487 -7.68 -0.72 77.81
C LYS B 487 -6.50 -1.69 78.10
N ARG B 488 -5.71 -1.32 79.11
CA ARG B 488 -4.50 -2.03 79.57
C ARG B 488 -4.40 -3.57 79.47
N LYS B 489 -3.32 -4.11 80.05
CA LYS B 489 -3.00 -5.55 80.08
C LYS B 489 -3.04 -6.24 78.70
N ASP B 490 -2.72 -5.43 77.69
CA ASP B 490 -2.63 -5.84 76.30
C ASP B 490 -1.50 -4.87 75.93
N SER B 491 -1.24 -4.69 74.63
CA SER B 491 -0.23 -3.74 74.18
C SER B 491 0.24 -4.22 72.85
N ARG B 492 0.56 -3.28 71.99
CA ARG B 492 1.03 -3.58 70.64
C ARG B 492 2.41 -2.99 70.50
N THR B 493 3.34 -3.81 70.05
CA THR B 493 4.71 -3.37 69.83
C THR B 493 4.81 -2.83 68.38
N VAL B 494 5.29 -1.60 68.24
CA VAL B 494 5.40 -0.92 66.93
C VAL B 494 6.81 -0.51 66.53
N TYR B 495 7.34 -1.08 65.46
CA TYR B 495 8.70 -0.74 65.01
C TYR B 495 8.74 0.48 64.14
N GLN B 496 9.81 1.26 64.27
CA GLN B 496 9.99 2.44 63.45
C GLN B 496 11.39 2.45 62.93
N TYR B 497 11.52 2.50 61.61
CA TYR B 497 12.82 2.53 60.98
C TYR B 497 12.99 3.92 60.38
N GLN B 498 13.98 4.66 60.88
CA GLN B 498 14.24 6.00 60.39
C GLN B 498 15.47 5.97 59.52
N TYR B 499 15.29 6.35 58.26
CA TYR B 499 16.38 6.37 57.31
C TYR B 499 16.99 7.76 57.21
N THR B 500 18.32 7.80 57.25
CA THR B 500 19.04 9.07 57.21
C THR B 500 19.54 9.43 55.81
N ASN B 501 20.73 8.96 55.47
CA ASN B 501 21.37 9.22 54.18
C ASN B 501 20.46 9.58 53.02
N TRP B 502 19.79 10.72 53.10
CA TRP B 502 18.89 11.12 52.05
C TRP B 502 18.11 12.40 52.36
N SER B 503 18.68 13.53 51.95
CA SER B 503 18.04 14.84 52.14
C SER B 503 17.04 15.02 51.02
N VAL B 504 15.97 15.75 51.33
CA VAL B 504 14.89 16.01 50.39
C VAL B 504 15.42 16.43 49.02
N GLU B 505 16.74 16.57 48.90
CA GLU B 505 17.39 16.98 47.65
C GLU B 505 18.06 15.82 46.93
N GLN B 506 19.38 15.69 47.08
CA GLN B 506 20.13 14.59 46.45
C GLN B 506 19.30 13.30 46.51
N LEU B 507 19.36 12.49 45.47
CA LEU B 507 18.62 11.23 45.49
C LEU B 507 19.32 10.36 46.53
N PRO B 508 18.63 9.31 47.02
CA PRO B 508 19.29 8.46 48.02
C PRO B 508 20.78 8.29 47.72
N ALA B 509 21.60 8.81 48.63
CA ALA B 509 23.05 8.74 48.53
C ALA B 509 23.55 7.44 47.88
N GLU B 510 23.66 6.37 48.69
CA GLU B 510 24.10 5.05 48.23
C GLU B 510 22.99 3.99 48.37
N PRO B 511 22.18 3.82 47.33
CA PRO B 511 21.05 2.90 47.20
C PRO B 511 21.21 1.44 47.71
N LYS B 512 22.34 0.81 47.41
CA LYS B 512 22.61 -0.57 47.83
C LYS B 512 22.12 -0.83 49.26
N GLU B 513 22.11 0.23 50.08
CA GLU B 513 21.68 0.11 51.47
C GLU B 513 20.24 0.54 51.65
N LEU B 514 19.78 1.44 50.77
CA LEU B 514 18.40 1.89 50.81
C LEU B 514 17.68 0.54 50.69
N ILE B 515 18.22 -0.29 49.81
CA ILE B 515 17.72 -1.64 49.54
C ILE B 515 17.66 -2.52 50.80
N SER B 516 18.80 -2.62 51.47
CA SER B 516 18.93 -3.41 52.69
C SER B 516 17.83 -3.05 53.67
N ILE B 518 14.83 -1.79 52.94
CA ILE B 518 13.61 -2.35 52.41
C ILE B 518 13.49 -3.84 52.70
N GLN B 519 14.62 -4.52 52.82
CA GLN B 519 14.57 -5.95 53.10
C GLN B 519 14.27 -6.18 54.58
N VAL B 520 15.08 -5.57 55.44
CA VAL B 520 14.90 -5.71 56.87
C VAL B 520 13.51 -5.25 57.30
N VAL B 521 13.05 -4.16 56.70
CA VAL B 521 11.73 -3.65 57.01
C VAL B 521 10.72 -4.74 56.69
N LYS B 522 10.74 -5.16 55.43
CA LYS B 522 9.84 -6.17 54.91
C LYS B 522 9.75 -7.41 55.80
N GLN B 523 10.88 -7.86 56.32
CA GLN B 523 10.90 -9.06 57.17
C GLN B 523 10.22 -8.90 58.53
N LYS B 524 9.93 -7.67 58.93
CA LYS B 524 9.29 -7.49 60.22
C LYS B 524 7.78 -7.54 60.03
N LEU B 525 7.39 -7.60 58.75
CA LEU B 525 6.00 -7.65 58.35
C LEU B 525 5.60 -9.09 57.96
N PRO B 526 4.34 -9.49 58.22
CA PRO B 526 3.86 -10.85 57.88
C PRO B 526 3.31 -10.94 56.45
N LYS B 538 -10.58 -2.17 57.06
CA LYS B 538 -9.32 -1.55 56.65
C LYS B 538 -8.20 -1.77 57.67
N SER B 539 -7.14 -2.45 57.22
CA SER B 539 -5.97 -2.73 58.07
C SER B 539 -4.66 -2.59 57.25
N THR B 540 -3.87 -1.55 57.52
CA THR B 540 -2.60 -1.36 56.80
C THR B 540 -1.40 -1.52 57.75
N PRO B 541 -0.54 -2.51 57.52
CA PRO B 541 0.64 -2.78 58.35
C PRO B 541 1.79 -1.79 58.23
N LEU B 542 2.01 -1.25 57.03
CA LEU B 542 3.10 -0.30 56.83
C LEU B 542 2.64 1.14 56.72
N LEU B 543 3.52 2.07 57.08
CA LEU B 543 3.23 3.48 57.01
C LEU B 543 4.55 4.17 56.71
N ILE B 544 4.55 4.98 55.66
CA ILE B 544 5.78 5.66 55.24
C ILE B 544 5.56 7.16 55.27
N HIS B 545 6.59 7.93 55.62
CA HIS B 545 6.44 9.38 55.64
C HIS B 545 7.71 10.22 55.49
N CYS B 546 7.52 11.38 54.88
CA CYS B 546 8.57 12.35 54.69
C CYS B 546 7.77 13.65 54.85
N ARG B 547 8.38 14.80 54.59
CA ARG B 547 7.69 16.08 54.75
C ARG B 547 6.23 16.04 54.35
N ASP B 548 6.02 15.92 53.05
CA ASP B 548 4.68 15.90 52.45
C ASP B 548 4.15 14.50 52.16
N GLY B 549 4.98 13.49 52.42
CA GLY B 549 4.57 12.12 52.18
C GLY B 549 4.38 11.81 50.70
N SER B 550 5.19 12.43 49.85
CA SER B 550 5.14 12.25 48.39
C SER B 550 6.53 12.52 47.84
N GLN B 551 7.12 13.60 48.34
CA GLN B 551 8.46 14.03 47.95
C GLN B 551 9.39 12.84 47.74
N GLN B 552 9.74 12.15 48.83
CA GLN B 552 10.61 10.98 48.75
C GLN B 552 9.86 9.73 49.16
N THR B 553 8.63 9.90 49.63
CA THR B 553 7.81 8.76 50.02
C THR B 553 7.33 8.01 48.78
N GLY B 554 7.23 8.72 47.65
CA GLY B 554 6.81 8.10 46.42
C GLY B 554 7.90 7.14 45.93
N ILE B 555 9.16 7.59 46.00
CA ILE B 555 10.28 6.76 45.58
C ILE B 555 10.25 5.44 46.35
N PHE B 556 9.97 5.54 47.65
CA PHE B 556 9.93 4.35 48.49
C PHE B 556 8.82 3.42 48.06
N CYS B 557 7.58 3.91 48.08
CA CYS B 557 6.43 3.10 47.67
C CYS B 557 6.72 2.40 46.35
N ALA B 558 7.24 3.16 45.39
CA ALA B 558 7.58 2.60 44.10
C ALA B 558 8.46 1.38 44.36
N LEU B 559 9.73 1.61 44.67
CA LEU B 559 10.66 0.53 44.92
C LEU B 559 10.03 -0.68 45.56
N LEU B 560 9.17 -0.45 46.54
CA LEU B 560 8.50 -1.55 47.23
C LEU B 560 7.82 -2.47 46.24
N ASN B 561 6.91 -1.92 45.45
CA ASN B 561 6.17 -2.71 44.47
C ASN B 561 7.04 -3.26 43.34
N LEU B 562 7.98 -2.47 42.84
CA LEU B 562 8.84 -2.93 41.77
C LEU B 562 9.72 -4.10 42.25
N LEU B 563 9.95 -4.16 43.56
CA LEU B 563 10.73 -5.24 44.14
C LEU B 563 9.87 -6.49 44.34
N GLU B 564 8.65 -6.30 44.84
CA GLU B 564 7.74 -7.42 45.07
C GLU B 564 7.24 -8.07 43.79
N SER B 565 7.48 -7.40 42.67
CA SER B 565 7.10 -7.92 41.36
C SER B 565 8.34 -8.53 40.73
N ALA B 566 9.49 -7.93 40.99
CA ALA B 566 10.77 -8.42 40.48
C ALA B 566 11.04 -9.79 41.07
N GLU B 567 10.31 -10.10 42.13
CA GLU B 567 10.48 -11.36 42.79
C GLU B 567 9.45 -12.36 42.31
N THR B 568 8.19 -11.96 42.29
CA THR B 568 7.11 -12.83 41.90
C THR B 568 6.92 -13.11 40.39
N GLU B 569 7.51 -12.28 39.51
CA GLU B 569 7.34 -12.48 38.07
C GLU B 569 8.58 -12.18 37.26
N GLU B 570 9.69 -11.91 37.94
CA GLU B 570 10.94 -11.57 37.26
C GLU B 570 10.71 -10.48 36.20
N VAL B 571 9.58 -9.79 36.30
CA VAL B 571 9.23 -8.74 35.35
C VAL B 571 9.07 -7.41 36.13
N VAL B 572 9.16 -6.27 35.44
CA VAL B 572 9.03 -4.96 36.08
C VAL B 572 8.51 -3.87 35.15
N ASP B 573 7.42 -3.22 35.55
CA ASP B 573 6.81 -2.13 34.77
C ASP B 573 6.88 -0.85 35.60
N ILE B 574 8.00 -0.15 35.52
CA ILE B 574 8.17 1.08 36.27
C ILE B 574 7.18 2.17 35.91
N PHE B 575 6.91 2.33 34.63
CA PHE B 575 6.00 3.34 34.15
C PHE B 575 4.64 3.21 34.81
N GLN B 576 3.98 2.08 34.55
CA GLN B 576 2.66 1.83 35.12
C GLN B 576 2.61 1.98 36.64
N VAL B 577 3.67 1.55 37.31
CA VAL B 577 3.76 1.65 38.76
C VAL B 577 3.63 3.09 39.25
N VAL B 578 4.38 3.98 38.60
CA VAL B 578 4.40 5.40 38.90
C VAL B 578 3.06 6.01 38.47
N LYS B 579 2.44 5.44 37.43
CA LYS B 579 1.18 5.93 36.92
C LYS B 579 0.05 5.74 37.93
N ALA B 580 0.16 4.70 38.76
CA ALA B 580 -0.87 4.44 39.75
C ALA B 580 -0.63 5.34 40.96
N LEU B 581 0.64 5.61 41.23
CA LEU B 581 1.02 6.48 42.34
C LEU B 581 0.61 7.88 41.97
N ARG B 582 1.09 8.35 40.82
CA ARG B 582 0.77 9.69 40.38
C ARG B 582 -0.73 9.87 40.52
N LYS B 583 -1.44 8.75 40.39
CA LYS B 583 -2.91 8.74 40.46
C LYS B 583 -3.51 8.68 41.85
N ALA B 584 -2.75 8.19 42.83
CA ALA B 584 -3.25 8.05 44.19
C ALA B 584 -3.16 9.34 45.00
N ARG B 585 -2.00 9.97 44.89
CA ARG B 585 -1.69 11.21 45.60
C ARG B 585 -0.89 12.07 44.61
N LEU B 586 -0.82 13.38 44.87
CA LEU B 586 -0.06 14.26 43.99
C LEU B 586 1.30 14.53 44.57
N GLY B 587 2.25 14.83 43.69
CA GLY B 587 3.60 15.14 44.11
C GLY B 587 4.55 13.97 44.24
N VAL B 589 7.27 11.20 42.41
CA VAL B 589 8.19 10.95 41.29
C VAL B 589 8.05 12.04 40.22
N SER B 590 7.30 13.08 40.56
CA SER B 590 7.01 14.20 39.68
C SER B 590 8.21 14.85 38.99
N THR B 591 9.33 14.16 38.90
CA THR B 591 10.52 14.70 38.26
C THR B 591 11.24 13.57 37.54
N PHE B 592 11.87 13.87 36.41
CA PHE B 592 12.57 12.83 35.68
C PHE B 592 13.70 12.19 36.49
N GLU B 593 14.38 12.98 37.31
CA GLU B 593 15.48 12.46 38.12
C GLU B 593 15.03 11.24 38.91
N GLN B 594 13.94 11.40 39.64
CA GLN B 594 13.35 10.32 40.44
C GLN B 594 12.91 9.14 39.56
N TYR B 595 12.09 9.44 38.55
CA TYR B 595 11.61 8.43 37.63
C TYR B 595 12.77 7.55 37.20
N GLN B 596 13.76 8.19 36.61
CA GLN B 596 14.93 7.49 36.13
C GLN B 596 15.66 6.73 37.27
N PHE B 597 15.60 7.27 38.49
CA PHE B 597 16.24 6.65 39.64
C PHE B 597 15.77 5.21 39.84
N LEU B 598 14.46 5.02 39.76
CA LEU B 598 13.85 3.71 39.92
C LEU B 598 14.57 2.72 39.02
N TYR B 599 14.63 3.06 37.73
CA TYR B 599 15.30 2.23 36.74
C TYR B 599 16.67 1.80 37.22
N ASP B 600 17.49 2.79 37.54
CA ASP B 600 18.84 2.56 38.04
C ASP B 600 18.86 1.52 39.17
N VAL B 601 18.35 1.89 40.35
CA VAL B 601 18.33 0.98 41.50
C VAL B 601 17.75 -0.40 41.21
N ILE B 602 16.63 -0.46 40.50
CA ILE B 602 16.05 -1.77 40.21
C ILE B 602 17.04 -2.62 39.44
N ALA B 603 17.88 -1.95 38.63
CA ALA B 603 18.87 -2.64 37.80
C ALA B 603 20.15 -3.08 38.51
N SER B 604 20.83 -2.14 39.15
CA SER B 604 22.06 -2.46 39.85
C SER B 604 21.79 -3.51 40.91
N THR B 605 20.67 -3.35 41.61
CA THR B 605 20.31 -4.27 42.66
C THR B 605 19.82 -5.57 42.07
N TYR B 606 19.84 -5.66 40.74
CA TYR B 606 19.39 -6.87 40.08
C TYR B 606 20.20 -7.24 38.82
N PRO B 607 21.44 -7.74 39.00
CA PRO B 607 22.40 -8.16 37.96
C PRO B 607 21.86 -9.17 36.95
N ALA B 608 22.20 -8.96 35.67
CA ALA B 608 21.79 -9.85 34.57
C ALA B 608 22.73 -11.08 34.58
N GLN B 609 22.93 -11.59 35.80
CA GLN B 609 23.78 -12.72 36.14
C GLN B 609 24.38 -13.64 35.06
N ASN B 610 25.67 -13.94 35.28
CA ASN B 610 26.58 -14.81 34.48
C ASN B 610 27.88 -14.12 34.03
N ARG C 1 31.84 15.62 -58.39
CA ARG C 1 31.62 14.15 -58.18
C ARG C 1 30.89 13.83 -56.88
N GLU C 2 30.66 12.54 -56.69
CA GLU C 2 29.98 12.01 -55.54
C GLU C 2 29.30 10.73 -56.00
N GLU C 3 29.76 9.60 -55.50
CA GLU C 3 29.21 8.30 -55.86
C GLU C 3 28.06 7.93 -54.94
N ASP C 5 26.07 4.97 -54.28
CA ASP C 5 26.20 3.73 -53.51
C ASP C 5 27.40 3.79 -52.56
N VAL C 6 28.43 4.55 -52.96
CA VAL C 6 29.67 4.72 -52.15
C VAL C 6 30.59 3.49 -52.30
N ARG D 1 -34.25 -22.50 38.50
CA ARG D 1 -34.57 -21.69 37.29
C ARG D 1 -34.31 -20.20 37.53
N GLU D 2 -33.04 -19.81 37.57
CA GLU D 2 -32.68 -18.41 37.79
C GLU D 2 -32.28 -17.79 36.45
N GLU D 3 -31.68 -16.60 36.46
CA GLU D 3 -31.31 -15.94 35.20
C GLU D 3 -30.07 -15.06 35.29
N ASP D 5 -29.33 -12.00 33.46
CA ASP D 5 -29.62 -10.58 33.40
C ASP D 5 -31.09 -10.44 33.80
N VAL D 6 -31.61 -9.20 33.70
CA VAL D 6 -33.00 -8.93 34.07
C VAL D 6 -33.79 -8.25 32.92
#